data_3QW4
#
_entry.id   3QW4
#
_cell.length_a   64.722
_cell.length_b   64.722
_cell.length_c   477.596
_cell.angle_alpha   90.00
_cell.angle_beta   90.00
_cell.angle_gamma   90.00
#
_symmetry.space_group_name_H-M   'P 43 21 2'
#
loop_
_entity.id
_entity.type
_entity.pdbx_description
1 polymer 'UMP synthase'
2 non-polymer "URIDINE-5'-MONOPHOSPHATE"
3 non-polymer 'CHLORIDE ION'
4 water water
#
_entity_poly.entity_id   1
_entity_poly.type   'polypeptide(L)'
_entity_poly.pdbx_seq_one_letter_code
;TMSFFDLLNERAKRSLLCVGLDPRAKTAAAAVEECKRLIEQTHEYAAAYKPNAAFFEFFGAEGWAALSEVIRAVPAGIPV
VLDAKRGDIADTADAYATSAFKHLNAHAITASPYMGSDSLQPFMRYPDKAVFVLCKTSNKGSNDLQCLRVGDRYLYEAVA
ERAEGPWNVNGNVGLVVGATDPVALARVRARAPTLWFLVPGIGAQGGSLKASLDAGLRADGSGMLINVSRGLARAADPRA
AAKELCEEINAIRFAKGASVELAKALVDSHCVRFGNFTLKSGKSSPIYIDLRRLVTYPAIMRLVAREYAKVLRHYKFDRI
AGLPYAALPIASAISNEMNVPLIYPRREAKIYGTKAAIEGEYKKGDRVVIIDDLVSTGETKVEAIEKLRSAGLEVVSIVV
LVDRDMGAKAFLNKLGYDFEAVVGLHQLLPLWRKSNAITSQQEADVRAFLGQW
;
_entity_poly.pdbx_strand_id   B,C
#
# COMPACT_ATOMS: atom_id res chain seq x y z
N THR A 1 19.97 -23.06 -4.57
CA THR A 1 20.49 -23.80 -5.76
C THR A 1 19.37 -24.64 -6.39
N MET A 2 18.49 -25.16 -5.55
CA MET A 2 17.33 -25.91 -6.01
C MET A 2 16.09 -25.04 -5.80
N SER A 3 15.36 -24.79 -6.89
CA SER A 3 14.33 -23.75 -6.91
C SER A 3 13.13 -24.08 -6.04
N PHE A 4 12.44 -23.05 -5.58
CA PHE A 4 11.25 -23.22 -4.77
C PHE A 4 10.20 -24.09 -5.46
N PHE A 5 10.01 -23.86 -6.76
CA PHE A 5 9.03 -24.64 -7.51
C PHE A 5 9.51 -26.05 -7.80
N ASP A 6 10.82 -26.24 -7.94
CA ASP A 6 11.37 -27.58 -8.12
C ASP A 6 10.98 -28.41 -6.93
N LEU A 7 11.07 -27.81 -5.75
CA LEU A 7 10.76 -28.49 -4.51
C LEU A 7 9.29 -28.79 -4.43
N LEU A 8 8.49 -27.76 -4.75
CA LEU A 8 7.05 -27.79 -4.63
C LEU A 8 6.36 -28.80 -5.55
N ASN A 9 6.63 -28.69 -6.85
CA ASN A 9 6.07 -29.62 -7.82
C ASN A 9 6.27 -31.07 -7.40
N GLU A 10 7.39 -31.34 -6.71
CA GLU A 10 7.71 -32.68 -6.21
C GLU A 10 6.80 -33.06 -5.04
N ARG A 11 6.57 -32.13 -4.12
CA ARG A 11 5.66 -32.37 -3.00
C ARG A 11 4.23 -32.37 -3.50
N ALA A 12 3.98 -31.54 -4.52
CA ALA A 12 2.64 -31.39 -5.09
C ALA A 12 2.15 -32.68 -5.75
N LYS A 13 3.04 -33.66 -5.87
CA LYS A 13 2.64 -34.96 -6.40
C LYS A 13 1.77 -35.72 -5.39
N ARG A 14 1.77 -35.26 -4.14
CA ARG A 14 1.06 -35.97 -3.07
C ARG A 14 0.20 -35.04 -2.20
N SER A 15 0.58 -33.76 -2.16
CA SER A 15 -0.12 -32.79 -1.30
C SER A 15 -0.06 -31.37 -1.79
N LEU A 16 -1.10 -30.61 -1.48
CA LEU A 16 -1.20 -29.19 -1.79
C LEU A 16 -1.43 -28.43 -0.48
N LEU A 17 -1.28 -29.14 0.63
CA LEU A 17 -1.48 -28.53 1.93
C LEU A 17 -0.28 -27.69 2.40
N CYS A 18 -0.55 -26.42 2.73
CA CYS A 18 0.45 -25.55 3.28
C CYS A 18 0.12 -25.37 4.74
N VAL A 19 1.01 -25.85 5.61
CA VAL A 19 0.84 -25.70 7.06
C VAL A 19 1.37 -24.35 7.52
N GLY A 20 0.48 -23.53 8.06
CA GLY A 20 0.85 -22.18 8.49
C GLY A 20 1.37 -22.14 9.91
N LEU A 21 2.37 -21.30 10.15
CA LEU A 21 2.98 -21.20 11.46
C LEU A 21 2.83 -19.80 12.04
N ASP A 22 1.67 -19.55 12.62
CA ASP A 22 1.35 -18.29 13.27
C ASP A 22 1.10 -18.58 14.75
N PRO A 23 2.17 -18.67 15.54
CA PRO A 23 2.02 -19.09 16.92
C PRO A 23 1.49 -17.98 17.82
N ARG A 24 0.37 -18.24 18.49
CA ARG A 24 -0.12 -17.41 19.58
C ARG A 24 0.30 -18.01 20.93
N ALA A 25 1.45 -17.58 21.43
CA ALA A 25 2.06 -18.22 22.59
C ALA A 25 2.36 -17.20 23.69
N LYS A 26 2.45 -17.68 24.93
CA LYS A 26 2.77 -16.78 26.04
C LYS A 26 4.16 -16.13 25.89
N THR A 27 5.16 -16.93 25.54
CA THR A 27 6.54 -16.44 25.37
C THR A 27 7.08 -16.89 24.03
N ALA A 28 8.24 -16.35 23.63
CA ALA A 28 8.87 -16.71 22.36
C ALA A 28 9.39 -18.14 22.35
N ALA A 29 9.77 -18.65 23.52
CA ALA A 29 10.28 -20.02 23.66
C ALA A 29 9.17 -21.05 23.44
N ALA A 30 7.96 -20.74 23.94
CA ALA A 30 6.77 -21.56 23.76
C ALA A 30 6.35 -21.59 22.31
N ALA A 31 6.56 -20.47 21.62
CA ALA A 31 6.24 -20.37 20.20
C ALA A 31 7.05 -21.37 19.37
N VAL A 32 8.36 -21.40 19.58
CA VAL A 32 9.24 -22.36 18.93
C VAL A 32 8.79 -23.78 19.25
N GLU A 33 8.51 -24.06 20.53
CA GLU A 33 8.07 -25.38 20.93
C GLU A 33 6.75 -25.73 20.25
N GLU A 34 5.83 -24.76 20.18
CA GLU A 34 4.49 -24.97 19.60
C GLU A 34 4.62 -25.32 18.14
N CYS A 35 5.52 -24.60 17.47
CA CYS A 35 5.78 -24.76 16.03
C CYS A 35 6.53 -26.03 15.72
N LYS A 36 7.56 -26.32 16.51
CA LYS A 36 8.30 -27.56 16.39
C LYS A 36 7.34 -28.74 16.44
N ARG A 37 6.42 -28.71 17.41
CA ARG A 37 5.46 -29.81 17.62
C ARG A 37 4.58 -29.95 16.42
N LEU A 38 4.24 -28.81 15.85
CA LEU A 38 3.32 -28.77 14.74
C LEU A 38 4.02 -29.26 13.45
N ILE A 39 5.31 -29.01 13.33
CA ILE A 39 6.05 -29.44 12.16
C ILE A 39 6.23 -30.95 12.17
N GLU A 40 6.56 -31.50 13.33
CA GLU A 40 6.85 -32.94 13.47
C GLU A 40 5.61 -33.77 13.16
N GLN A 41 4.45 -33.24 13.52
CA GLN A 41 3.21 -33.97 13.37
C GLN A 41 2.73 -33.94 11.94
N THR A 42 3.00 -32.84 11.23
CA THR A 42 2.34 -32.61 9.95
C THR A 42 3.18 -32.83 8.69
N HIS A 43 4.49 -32.78 8.82
CA HIS A 43 5.41 -32.78 7.67
C HIS A 43 5.14 -33.85 6.57
N GLU A 44 4.70 -35.04 6.96
CA GLU A 44 4.40 -36.09 5.99
C GLU A 44 3.32 -35.71 4.98
N TYR A 45 2.48 -34.74 5.34
CA TYR A 45 1.34 -34.37 4.54
C TYR A 45 1.39 -32.89 4.16
N ALA A 46 2.51 -32.24 4.46
CA ALA A 46 2.68 -30.81 4.16
C ALA A 46 3.45 -30.56 2.86
N ALA A 47 2.88 -29.75 2.00
CA ALA A 47 3.53 -29.36 0.76
C ALA A 47 4.53 -28.23 1.00
N ALA A 48 4.18 -27.35 1.94
CA ALA A 48 5.00 -26.19 2.30
C ALA A 48 4.70 -25.76 3.73
N TYR A 49 5.63 -25.04 4.34
CA TYR A 49 5.34 -24.35 5.59
C TYR A 49 5.33 -22.83 5.41
N LYS A 50 4.40 -22.16 6.09
CA LYS A 50 4.29 -20.72 5.97
C LYS A 50 4.22 -20.03 7.33
N PRO A 51 5.37 -19.61 7.87
CA PRO A 51 5.38 -18.77 9.07
C PRO A 51 5.10 -17.33 8.73
N ASN A 52 4.16 -16.71 9.45
CA ASN A 52 3.87 -15.29 9.31
C ASN A 52 4.66 -14.45 10.30
N ALA A 53 5.50 -13.56 9.78
CA ALA A 53 6.49 -12.82 10.57
C ALA A 53 5.89 -12.06 11.75
N ALA A 54 4.69 -11.53 11.56
CA ALA A 54 4.02 -10.74 12.59
C ALA A 54 4.11 -11.35 13.99
N PHE A 55 3.85 -12.65 14.06
CA PHE A 55 3.70 -13.34 15.33
C PHE A 55 5.03 -13.63 15.98
N PHE A 56 6.07 -13.69 15.16
CA PHE A 56 7.41 -13.89 15.67
C PHE A 56 7.99 -12.55 16.04
N GLU A 57 7.55 -11.53 15.32
CA GLU A 57 8.01 -10.15 15.51
C GLU A 57 7.41 -9.57 16.79
N PHE A 58 6.30 -10.16 17.21
CA PHE A 58 5.63 -9.80 18.45
C PHE A 58 6.56 -9.84 19.65
N PHE A 59 7.45 -10.84 19.67
CA PHE A 59 8.36 -11.04 20.80
C PHE A 59 9.74 -10.38 20.63
N GLY A 60 9.83 -9.45 19.69
CA GLY A 60 11.06 -8.68 19.50
C GLY A 60 12.32 -9.52 19.31
N ALA A 61 13.31 -9.25 20.16
CA ALA A 61 14.67 -9.79 19.96
C ALA A 61 14.70 -11.31 19.98
N GLU A 62 14.23 -11.89 21.07
CA GLU A 62 14.10 -13.35 21.17
C GLU A 62 13.20 -13.91 20.06
N GLY A 63 12.18 -13.13 19.68
CA GLY A 63 11.23 -13.54 18.66
C GLY A 63 11.84 -13.80 17.31
N TRP A 64 12.81 -12.99 16.94
CA TRP A 64 13.45 -13.15 15.64
C TRP A 64 14.31 -14.42 15.60
N ALA A 65 15.09 -14.63 16.66
CA ALA A 65 15.88 -15.86 16.78
C ALA A 65 14.95 -17.07 16.82
N ALA A 66 13.71 -16.85 17.22
CA ALA A 66 12.68 -17.88 17.24
C ALA A 66 12.21 -18.21 15.81
N LEU A 67 12.09 -17.19 14.98
CA LEU A 67 11.72 -17.37 13.57
C LEU A 67 12.76 -18.17 12.81
N SER A 68 14.01 -17.83 13.05
CA SER A 68 15.14 -18.51 12.46
C SER A 68 15.21 -19.98 12.90
N GLU A 69 14.80 -20.24 14.14
CA GLU A 69 14.84 -21.59 14.69
C GLU A 69 13.73 -22.43 14.09
N VAL A 70 12.54 -21.84 13.99
CA VAL A 70 11.42 -22.54 13.43
C VAL A 70 11.66 -22.89 11.96
N ILE A 71 12.25 -21.96 11.20
CA ILE A 71 12.57 -22.25 9.81
C ILE A 71 13.54 -23.44 9.67
N ARG A 72 14.60 -23.45 10.48
CA ARG A 72 15.61 -24.50 10.42
C ARG A 72 15.13 -25.85 11.00
N ALA A 73 13.98 -25.83 11.64
CA ALA A 73 13.33 -27.06 12.09
C ALA A 73 12.46 -27.75 11.01
N VAL A 74 12.38 -27.15 9.82
CA VAL A 74 11.64 -27.73 8.70
C VAL A 74 12.52 -28.71 7.93
N PRO A 75 12.06 -29.95 7.73
CA PRO A 75 12.81 -30.94 6.99
C PRO A 75 13.16 -30.50 5.57
N ALA A 76 14.37 -30.81 5.13
CA ALA A 76 14.86 -30.45 3.80
C ALA A 76 13.97 -31.04 2.75
N GLY A 77 13.53 -30.23 1.81
CA GLY A 77 12.71 -30.72 0.73
C GLY A 77 11.35 -30.05 0.77
N ILE A 78 10.85 -29.86 1.99
CA ILE A 78 9.66 -29.04 2.20
C ILE A 78 10.08 -27.56 2.12
N PRO A 79 9.50 -26.81 1.16
CA PRO A 79 9.86 -25.41 1.01
C PRO A 79 9.13 -24.57 2.04
N VAL A 80 9.67 -23.40 2.29
CA VAL A 80 9.14 -22.47 3.29
C VAL A 80 8.79 -21.11 2.67
N VAL A 81 7.50 -20.79 2.71
CA VAL A 81 7.00 -19.48 2.30
C VAL A 81 7.00 -18.51 3.48
N LEU A 82 7.83 -17.48 3.41
CA LEU A 82 7.80 -16.45 4.45
C LEU A 82 6.74 -15.42 4.13
N ASP A 83 5.77 -15.28 5.01
CA ASP A 83 4.68 -14.35 4.78
C ASP A 83 5.01 -13.08 5.52
N ALA A 84 5.60 -12.14 4.80
CA ALA A 84 6.14 -10.92 5.41
C ALA A 84 5.59 -9.69 4.72
N LYS A 85 5.02 -9.88 3.54
CA LYS A 85 4.47 -8.80 2.74
C LYS A 85 5.43 -7.61 2.61
N ARG A 86 6.55 -7.86 1.94
CA ARG A 86 7.55 -6.83 1.72
C ARG A 86 7.25 -5.97 0.50
N GLY A 87 7.88 -4.79 0.47
CA GLY A 87 7.70 -3.83 -0.60
C GLY A 87 8.11 -2.44 -0.15
N ASP A 88 9.20 -1.97 -0.74
CA ASP A 88 9.67 -0.60 -0.59
C ASP A 88 10.49 -0.23 -1.84
N ILE A 89 11.23 0.88 -1.78
CA ILE A 89 12.15 1.23 -2.86
C ILE A 89 13.25 0.18 -3.00
N ALA A 90 13.71 -0.01 -4.23
CA ALA A 90 14.70 -1.02 -4.56
C ALA A 90 15.89 -1.12 -3.56
N ASP A 91 16.48 0.04 -3.20
CA ASP A 91 17.62 0.06 -2.30
C ASP A 91 17.29 -0.52 -0.93
N THR A 92 16.10 -0.18 -0.43
CA THR A 92 15.60 -0.71 0.83
C THR A 92 15.18 -2.17 0.69
N ALA A 93 14.54 -2.48 -0.43
CA ALA A 93 14.03 -3.82 -0.69
C ALA A 93 15.11 -4.90 -0.66
N ASP A 94 16.35 -4.51 -1.00
CA ASP A 94 17.50 -5.43 -1.01
C ASP A 94 17.75 -5.98 0.38
N ALA A 95 17.75 -5.08 1.35
CA ALA A 95 17.89 -5.46 2.75
C ALA A 95 16.78 -6.43 3.21
N TYR A 96 15.59 -6.30 2.63
CA TYR A 96 14.48 -7.17 2.96
C TYR A 96 14.62 -8.53 2.29
N ALA A 97 15.10 -8.50 1.04
CA ALA A 97 15.32 -9.73 0.26
C ALA A 97 16.52 -10.54 0.79
N THR A 98 17.59 -9.86 1.17
CA THR A 98 18.71 -10.55 1.79
C THR A 98 18.23 -11.21 3.08
N SER A 99 17.57 -10.44 3.93
CA SER A 99 17.12 -10.89 5.23
C SER A 99 16.31 -12.17 5.12
N ALA A 100 15.39 -12.19 4.16
CA ALA A 100 14.52 -13.34 3.95
C ALA A 100 15.26 -14.54 3.35
N PHE A 101 15.97 -14.33 2.25
CA PHE A 101 16.56 -15.44 1.50
C PHE A 101 17.90 -15.94 2.01
N LYS A 102 18.73 -15.03 2.53
CA LYS A 102 20.09 -15.38 2.89
C LYS A 102 20.28 -15.55 4.38
N HIS A 103 19.63 -14.70 5.18
CA HIS A 103 19.73 -14.83 6.65
C HIS A 103 18.76 -15.90 7.16
N LEU A 104 17.47 -15.69 6.89
CA LEU A 104 16.44 -16.58 7.38
C LEU A 104 16.35 -17.88 6.59
N ASN A 105 16.90 -17.86 5.36
CA ASN A 105 16.88 -19.00 4.43
C ASN A 105 15.52 -19.46 3.95
N ALA A 106 14.56 -18.54 3.90
CA ALA A 106 13.24 -18.84 3.32
C ALA A 106 13.38 -19.14 1.85
N HIS A 107 12.41 -19.86 1.31
CA HIS A 107 12.46 -20.26 -0.09
C HIS A 107 11.60 -19.39 -0.99
N ALA A 108 10.61 -18.73 -0.39
CA ALA A 108 9.77 -17.74 -1.08
C ALA A 108 9.27 -16.68 -0.12
N ILE A 109 8.71 -15.62 -0.65
CA ILE A 109 8.20 -14.54 0.17
C ILE A 109 6.91 -13.99 -0.44
N THR A 110 6.06 -13.47 0.44
CA THR A 110 4.86 -12.79 -0.02
C THR A 110 5.19 -11.31 -0.10
N ALA A 111 4.50 -10.60 -1.00
CA ALA A 111 4.81 -9.21 -1.30
C ALA A 111 3.59 -8.44 -1.83
N SER A 112 3.58 -7.12 -1.60
CA SER A 112 2.55 -6.23 -2.12
C SER A 112 2.93 -5.77 -3.53
N PRO A 113 1.93 -5.66 -4.42
CA PRO A 113 2.14 -5.19 -5.80
C PRO A 113 2.12 -3.64 -5.95
N TYR A 114 1.75 -2.94 -4.89
CA TYR A 114 1.40 -1.54 -4.98
C TYR A 114 2.53 -0.67 -5.51
N MET A 115 3.77 -1.01 -5.15
CA MET A 115 4.89 -0.15 -5.52
C MET A 115 5.49 -0.44 -6.91
N GLY A 116 4.83 -1.30 -7.67
CA GLY A 116 5.25 -1.56 -9.05
C GLY A 116 6.35 -2.59 -9.14
N SER A 117 6.85 -2.82 -10.36
CA SER A 117 7.77 -3.94 -10.63
C SER A 117 9.17 -3.70 -10.06
N ASP A 118 9.64 -2.46 -10.13
CA ASP A 118 10.99 -2.17 -9.69
C ASP A 118 11.14 -2.41 -8.21
N SER A 119 10.01 -2.42 -7.49
CA SER A 119 10.01 -2.68 -6.06
C SER A 119 10.05 -4.18 -5.77
N LEU A 120 9.56 -4.95 -6.72
CA LEU A 120 9.52 -6.41 -6.61
C LEU A 120 10.78 -7.04 -7.18
N GLN A 121 11.48 -6.31 -8.04
CA GLN A 121 12.71 -6.82 -8.69
C GLN A 121 13.77 -7.33 -7.71
N PRO A 122 13.93 -6.65 -6.55
CA PRO A 122 14.98 -7.12 -5.64
C PRO A 122 14.69 -8.49 -5.08
N PHE A 123 13.43 -8.90 -5.11
CA PHE A 123 13.04 -10.21 -4.63
C PHE A 123 13.13 -11.19 -5.78
N MET A 124 12.57 -10.77 -6.91
CA MET A 124 12.39 -11.62 -8.07
C MET A 124 13.69 -11.99 -8.78
N ARG A 125 14.77 -11.23 -8.50
CA ARG A 125 16.08 -11.47 -9.11
C ARG A 125 16.76 -12.76 -8.65
N TYR A 126 16.46 -13.16 -7.42
CA TYR A 126 16.82 -14.48 -6.88
C TYR A 126 16.06 -15.56 -7.64
N PRO A 127 16.73 -16.19 -8.63
CA PRO A 127 15.96 -17.12 -9.48
C PRO A 127 15.48 -18.35 -8.72
N ASP A 128 16.26 -18.81 -7.75
CA ASP A 128 15.97 -20.02 -6.98
C ASP A 128 14.82 -19.82 -5.98
N LYS A 129 14.53 -18.57 -5.67
CA LYS A 129 13.46 -18.22 -4.71
C LYS A 129 12.19 -17.84 -5.47
N ALA A 130 11.07 -17.76 -4.75
CA ALA A 130 9.81 -17.40 -5.39
C ALA A 130 9.19 -16.19 -4.71
N VAL A 131 8.30 -15.50 -5.42
CA VAL A 131 7.58 -14.34 -4.89
C VAL A 131 6.07 -14.50 -5.13
N PHE A 132 5.30 -14.53 -4.05
CA PHE A 132 3.85 -14.51 -4.16
C PHE A 132 3.32 -13.08 -3.96
N VAL A 133 2.85 -12.51 -5.05
CA VAL A 133 2.29 -11.15 -5.04
C VAL A 133 0.83 -11.20 -4.54
N LEU A 134 0.44 -10.22 -3.73
CA LEU A 134 -0.92 -10.13 -3.25
C LEU A 134 -1.87 -9.76 -4.38
N CYS A 135 -2.89 -10.57 -4.60
CA CYS A 135 -3.80 -10.37 -5.71
C CYS A 135 -5.20 -10.05 -5.23
N LYS A 136 -5.97 -11.07 -4.85
CA LYS A 136 -7.28 -10.88 -4.20
C LYS A 136 -7.25 -11.50 -2.80
N THR A 137 -7.13 -10.66 -1.79
CA THR A 137 -6.90 -11.11 -0.44
C THR A 137 -8.14 -11.64 0.26
N SER A 138 -7.89 -12.51 1.24
CA SER A 138 -8.94 -13.25 1.95
CA SER A 138 -8.94 -13.25 1.95
C SER A 138 -9.96 -12.38 2.68
N ASN A 139 -9.51 -11.23 3.19
CA ASN A 139 -10.36 -10.33 3.97
C ASN A 139 -11.47 -9.70 3.14
N LYS A 140 -12.60 -9.40 3.78
CA LYS A 140 -13.75 -8.83 3.05
C LYS A 140 -13.46 -7.44 2.49
N GLY A 141 -12.62 -6.68 3.18
CA GLY A 141 -12.17 -5.38 2.71
C GLY A 141 -11.29 -5.43 1.46
N SER A 142 -11.12 -6.62 0.89
CA SER A 142 -10.45 -6.73 -0.39
C SER A 142 -11.29 -6.02 -1.46
N ASN A 143 -12.60 -6.26 -1.41
CA ASN A 143 -13.56 -5.64 -2.34
C ASN A 143 -13.48 -4.11 -2.37
N ASP A 144 -12.83 -3.55 -1.35
CA ASP A 144 -12.84 -2.10 -1.12
C ASP A 144 -11.90 -1.34 -2.05
N LEU A 145 -10.89 -2.04 -2.56
CA LEU A 145 -9.89 -1.39 -3.41
C LEU A 145 -9.49 -2.25 -4.60
N GLN A 146 -9.38 -3.55 -4.37
CA GLN A 146 -9.00 -4.51 -5.40
C GLN A 146 -10.12 -4.69 -6.40
N CYS A 147 -11.35 -4.36 -6.01
CA CYS A 147 -12.50 -4.54 -6.88
C CYS A 147 -12.91 -3.26 -7.58
N LEU A 148 -12.00 -2.30 -7.64
CA LEU A 148 -12.22 -1.13 -8.47
C LEU A 148 -12.00 -1.51 -9.93
N ARG A 149 -12.72 -0.85 -10.83
CA ARG A 149 -12.62 -1.19 -12.25
C ARG A 149 -11.52 -0.41 -12.97
N VAL A 150 -10.67 -1.12 -13.70
CA VAL A 150 -9.61 -0.51 -14.50
C VAL A 150 -9.91 -0.77 -15.97
N GLY A 151 -10.84 0.02 -16.49
CA GLY A 151 -11.35 -0.17 -17.84
C GLY A 151 -12.45 -1.20 -17.81
N ASP A 152 -12.11 -2.42 -18.20
CA ASP A 152 -13.11 -3.48 -18.36
C ASP A 152 -12.96 -4.58 -17.30
N ARG A 153 -11.79 -4.63 -16.65
CA ARG A 153 -11.47 -5.66 -15.63
C ARG A 153 -11.18 -5.06 -14.24
N TYR A 154 -11.32 -5.87 -13.20
CA TYR A 154 -11.03 -5.45 -11.83
C TYR A 154 -9.55 -5.13 -11.62
N LEU A 155 -9.23 -4.41 -10.55
CA LEU A 155 -7.85 -4.06 -10.24
C LEU A 155 -6.99 -5.28 -9.99
N TYR A 156 -7.54 -6.28 -9.29
CA TYR A 156 -6.78 -7.47 -8.99
C TYR A 156 -6.52 -8.28 -10.25
N GLU A 157 -7.44 -8.18 -11.21
CA GLU A 157 -7.30 -8.82 -12.51
C GLU A 157 -6.17 -8.16 -13.30
N ALA A 158 -5.96 -6.88 -13.09
CA ALA A 158 -4.84 -6.18 -13.72
C ALA A 158 -3.51 -6.57 -13.05
N VAL A 159 -3.57 -6.82 -11.74
CA VAL A 159 -2.40 -7.28 -11.01
C VAL A 159 -2.02 -8.68 -11.50
N ALA A 160 -3.04 -9.49 -11.79
CA ALA A 160 -2.88 -10.84 -12.29
C ALA A 160 -2.15 -10.82 -13.62
N GLU A 161 -2.56 -9.87 -14.47
CA GLU A 161 -2.00 -9.72 -15.79
C GLU A 161 -0.52 -9.41 -15.78
N ARG A 162 -0.09 -8.56 -14.86
CA ARG A 162 1.31 -8.14 -14.77
C ARG A 162 2.17 -9.22 -14.17
N ALA A 163 1.63 -9.89 -13.17
CA ALA A 163 2.31 -10.99 -12.50
C ALA A 163 2.67 -12.12 -13.46
N GLU A 164 1.69 -12.58 -14.22
CA GLU A 164 1.93 -13.64 -15.17
C GLU A 164 2.63 -13.15 -16.47
N GLY A 165 2.77 -11.84 -16.64
CA GLY A 165 3.32 -11.28 -17.86
C GLY A 165 4.69 -10.65 -17.68
N PRO A 166 4.74 -9.29 -17.66
CA PRO A 166 5.95 -8.49 -17.51
C PRO A 166 6.84 -8.85 -16.32
N TRP A 167 6.22 -9.26 -15.21
CA TRP A 167 6.96 -9.52 -13.98
C TRP A 167 7.59 -10.91 -13.92
N ASN A 168 6.97 -11.90 -14.57
CA ASN A 168 7.52 -13.25 -14.46
C ASN A 168 8.71 -13.51 -15.37
N VAL A 169 9.72 -12.64 -15.27
CA VAL A 169 10.94 -12.73 -16.07
C VAL A 169 11.68 -14.04 -15.75
N ASN A 170 11.86 -14.33 -14.46
CA ASN A 170 12.61 -15.52 -14.05
C ASN A 170 11.76 -16.72 -13.78
N GLY A 171 10.51 -16.67 -14.22
CA GLY A 171 9.58 -17.79 -14.05
C GLY A 171 9.23 -18.14 -12.62
N ASN A 172 9.44 -17.19 -11.70
CA ASN A 172 9.23 -17.43 -10.28
C ASN A 172 8.24 -16.47 -9.59
N VAL A 173 7.09 -16.24 -10.22
CA VAL A 173 6.09 -15.32 -9.69
C VAL A 173 4.74 -16.01 -9.52
N GLY A 174 4.27 -16.09 -8.28
CA GLY A 174 2.97 -16.65 -7.94
C GLY A 174 2.09 -15.57 -7.37
N LEU A 175 0.88 -15.96 -6.97
CA LEU A 175 -0.14 -15.02 -6.52
C LEU A 175 -0.87 -15.46 -5.26
N VAL A 176 -1.17 -14.51 -4.38
CA VAL A 176 -1.94 -14.79 -3.19
C VAL A 176 -3.37 -14.47 -3.54
N VAL A 177 -4.19 -15.50 -3.63
CA VAL A 177 -5.59 -15.34 -3.89
C VAL A 177 -6.34 -16.09 -2.81
N GLY A 178 -7.22 -15.39 -2.10
CA GLY A 178 -7.94 -15.95 -0.95
C GLY A 178 -8.97 -17.01 -1.32
N ALA A 179 -9.20 -17.96 -0.42
CA ALA A 179 -10.17 -19.03 -0.63
C ALA A 179 -11.61 -18.58 -0.40
N THR A 180 -11.77 -17.45 0.29
CA THR A 180 -13.10 -16.97 0.62
C THR A 180 -13.89 -16.45 -0.59
N ASP A 181 -13.19 -16.16 -1.69
CA ASP A 181 -13.85 -15.70 -2.91
C ASP A 181 -13.48 -16.56 -4.14
N PRO A 182 -14.35 -17.52 -4.49
CA PRO A 182 -14.12 -18.44 -5.62
C PRO A 182 -14.39 -17.79 -6.98
N VAL A 183 -15.21 -16.74 -6.99
CA VAL A 183 -15.46 -15.99 -8.22
C VAL A 183 -14.13 -15.36 -8.62
N ALA A 184 -13.49 -14.71 -7.65
CA ALA A 184 -12.18 -14.13 -7.82
C ALA A 184 -11.17 -15.18 -8.27
N LEU A 185 -11.20 -16.34 -7.63
CA LEU A 185 -10.29 -17.42 -7.96
C LEU A 185 -10.37 -17.86 -9.43
N ALA A 186 -11.58 -17.89 -9.96
CA ALA A 186 -11.80 -18.24 -11.35
C ALA A 186 -11.22 -17.16 -12.27
N ARG A 187 -11.48 -15.92 -11.89
CA ARG A 187 -11.10 -14.76 -12.68
C ARG A 187 -9.60 -14.55 -12.74
N VAL A 188 -8.91 -14.86 -11.63
CA VAL A 188 -7.46 -14.76 -11.60
C VAL A 188 -6.88 -15.94 -12.37
N ARG A 189 -7.49 -17.10 -12.20
CA ARG A 189 -7.07 -18.30 -12.92
C ARG A 189 -7.25 -18.08 -14.43
N ALA A 190 -8.30 -17.35 -14.79
CA ALA A 190 -8.53 -16.99 -16.18
C ALA A 190 -7.39 -16.13 -16.75
N ARG A 191 -6.94 -15.14 -15.98
CA ARG A 191 -5.82 -14.27 -16.39
C ARG A 191 -4.44 -14.93 -16.25
N ALA A 192 -4.29 -15.83 -15.28
CA ALA A 192 -3.02 -16.52 -15.04
C ALA A 192 -3.21 -18.04 -15.03
N PRO A 193 -3.21 -18.65 -16.22
CA PRO A 193 -3.47 -20.08 -16.35
C PRO A 193 -2.34 -20.98 -15.84
N THR A 194 -1.14 -20.44 -15.68
CA THR A 194 0.04 -21.25 -15.35
C THR A 194 0.62 -21.01 -13.94
N LEU A 195 0.30 -19.87 -13.35
CA LEU A 195 0.84 -19.46 -12.04
C LEU A 195 0.35 -20.30 -10.84
N TRP A 196 1.23 -20.43 -9.84
CA TRP A 196 0.84 -21.02 -8.58
C TRP A 196 0.11 -19.97 -7.74
N PHE A 197 -0.97 -20.37 -7.08
CA PHE A 197 -1.61 -19.49 -6.12
C PHE A 197 -1.29 -19.94 -4.70
N LEU A 198 -1.09 -18.96 -3.82
CA LEU A 198 -1.06 -19.24 -2.39
C LEU A 198 -2.43 -18.90 -1.85
N VAL A 199 -3.11 -19.91 -1.35
CA VAL A 199 -4.52 -19.78 -1.02
C VAL A 199 -4.78 -19.89 0.47
N PRO A 200 -4.99 -18.73 1.13
CA PRO A 200 -5.42 -18.68 2.51
C PRO A 200 -6.94 -18.52 2.64
N GLY A 201 -7.48 -18.85 3.81
CA GLY A 201 -8.92 -18.71 4.08
C GLY A 201 -9.68 -19.95 4.56
N ILE A 202 -9.05 -21.12 4.48
CA ILE A 202 -9.66 -22.34 4.98
C ILE A 202 -9.53 -22.41 6.49
N GLY A 203 -10.65 -22.67 7.16
CA GLY A 203 -10.66 -22.93 8.59
C GLY A 203 -11.21 -21.77 9.37
N ALA A 204 -10.31 -20.99 9.97
CA ALA A 204 -10.67 -19.81 10.77
C ALA A 204 -11.55 -18.80 10.03
N GLN A 205 -11.31 -18.64 8.73
CA GLN A 205 -12.02 -17.65 7.94
C GLN A 205 -13.16 -18.31 7.18
N GLY A 206 -13.26 -19.63 7.34
CA GLY A 206 -14.39 -20.40 6.86
C GLY A 206 -14.58 -20.41 5.37
N GLY A 207 -13.49 -20.63 4.62
CA GLY A 207 -13.57 -20.77 3.17
C GLY A 207 -14.14 -22.12 2.79
N SER A 208 -14.58 -22.25 1.54
CA SER A 208 -15.08 -23.51 1.04
C SER A 208 -13.93 -24.24 0.34
N LEU A 209 -13.66 -25.46 0.76
CA LEU A 209 -12.58 -26.23 0.14
C LEU A 209 -12.93 -26.67 -1.28
N LYS A 210 -14.10 -27.29 -1.48
CA LYS A 210 -14.52 -27.75 -2.82
C LYS A 210 -14.65 -26.63 -3.86
N ALA A 211 -15.31 -25.53 -3.45
CA ALA A 211 -15.56 -24.39 -4.33
C ALA A 211 -14.26 -23.72 -4.75
N SER A 212 -13.32 -23.65 -3.83
CA SER A 212 -12.04 -23.01 -4.09
C SER A 212 -11.22 -23.77 -5.09
N LEU A 213 -11.16 -25.09 -4.91
CA LEU A 213 -10.35 -25.94 -5.76
C LEU A 213 -10.87 -25.95 -7.18
N ASP A 214 -12.19 -26.16 -7.31
CA ASP A 214 -12.82 -26.26 -8.62
C ASP A 214 -12.57 -25.00 -9.44
N ALA A 215 -12.70 -23.85 -8.79
CA ALA A 215 -12.47 -22.57 -9.47
C ALA A 215 -11.01 -22.31 -9.70
N GLY A 216 -10.16 -22.72 -8.75
CA GLY A 216 -8.81 -22.22 -8.64
C GLY A 216 -7.70 -23.04 -9.24
N LEU A 217 -7.86 -24.35 -9.27
CA LEU A 217 -6.80 -25.26 -9.73
C LEU A 217 -6.36 -25.04 -11.18
N ARG A 218 -5.10 -25.33 -11.48
CA ARG A 218 -4.62 -25.29 -12.86
C ARG A 218 -5.22 -26.40 -13.72
N ALA A 219 -4.81 -26.41 -14.98
CA ALA A 219 -5.04 -27.51 -15.91
C ALA A 219 -4.46 -28.83 -15.40
N ASP A 220 -3.24 -28.80 -14.86
CA ASP A 220 -2.58 -30.04 -14.44
C ASP A 220 -3.10 -30.60 -13.13
N GLY A 221 -4.08 -29.94 -12.53
CA GLY A 221 -4.71 -30.38 -11.28
C GLY A 221 -3.89 -30.15 -10.03
N SER A 222 -2.94 -29.21 -10.11
CA SER A 222 -1.99 -29.04 -9.02
C SER A 222 -1.27 -27.72 -9.08
N GLY A 223 -2.02 -26.61 -9.02
CA GLY A 223 -1.39 -25.28 -8.98
C GLY A 223 -1.85 -24.36 -7.86
N MET A 224 -2.17 -24.94 -6.70
CA MET A 224 -2.73 -24.21 -5.53
C MET A 224 -2.08 -24.65 -4.24
N LEU A 225 -1.58 -23.71 -3.45
CA LEU A 225 -1.15 -24.02 -2.10
C LEU A 225 -2.24 -23.66 -1.13
N ILE A 226 -2.90 -24.68 -0.61
CA ILE A 226 -3.95 -24.46 0.37
C ILE A 226 -3.32 -24.26 1.73
N ASN A 227 -3.34 -23.01 2.19
CA ASN A 227 -2.80 -22.68 3.51
C ASN A 227 -3.82 -22.78 4.66
N VAL A 228 -3.42 -23.49 5.71
CA VAL A 228 -4.19 -23.58 6.92
C VAL A 228 -3.26 -23.35 8.10
N SER A 229 -3.58 -22.38 8.95
CA SER A 229 -2.73 -22.07 10.09
C SER A 229 -3.43 -22.35 11.43
N ARG A 230 -4.44 -21.55 11.78
CA ARG A 230 -5.17 -21.75 13.04
C ARG A 230 -6.03 -23.01 13.02
N GLY A 231 -6.49 -23.41 11.84
CA GLY A 231 -7.27 -24.63 11.69
C GLY A 231 -6.52 -25.88 12.11
N LEU A 232 -5.19 -25.79 12.13
CA LEU A 232 -4.34 -26.91 12.52
C LEU A 232 -3.75 -26.70 13.90
N ALA A 233 -3.41 -25.46 14.23
CA ALA A 233 -2.86 -25.14 15.55
C ALA A 233 -3.86 -25.35 16.69
N ARG A 234 -5.14 -25.14 16.39
CA ARG A 234 -6.23 -25.33 17.34
C ARG A 234 -6.66 -26.80 17.42
N ALA A 235 -6.36 -27.57 16.38
CA ALA A 235 -6.77 -28.97 16.32
C ALA A 235 -6.16 -29.77 17.45
N ALA A 236 -6.97 -30.69 18.01
CA ALA A 236 -6.54 -31.63 19.07
C ALA A 236 -5.45 -32.58 18.57
N ASP A 237 -5.56 -32.95 17.29
CA ASP A 237 -4.61 -33.86 16.65
C ASP A 237 -4.26 -33.32 15.26
N PRO A 238 -3.16 -32.55 15.18
CA PRO A 238 -2.65 -31.97 13.93
C PRO A 238 -2.39 -33.00 12.82
N ARG A 239 -1.68 -34.09 13.15
CA ARG A 239 -1.33 -35.14 12.17
C ARG A 239 -2.53 -35.73 11.46
N ALA A 240 -3.62 -35.94 12.20
CA ALA A 240 -4.85 -36.48 11.64
C ALA A 240 -5.66 -35.44 10.87
N ALA A 241 -5.59 -34.18 11.29
CA ALA A 241 -6.31 -33.12 10.61
C ALA A 241 -5.57 -32.69 9.34
N ALA A 242 -4.25 -32.81 9.36
CA ALA A 242 -3.45 -32.61 8.15
C ALA A 242 -3.74 -33.72 7.12
N LYS A 243 -3.83 -34.95 7.61
CA LYS A 243 -4.15 -36.11 6.78
C LYS A 243 -5.54 -35.96 6.17
N GLU A 244 -6.49 -35.46 6.95
CA GLU A 244 -7.86 -35.36 6.49
C GLU A 244 -7.97 -34.30 5.41
N LEU A 245 -7.24 -33.21 5.58
CA LEU A 245 -7.21 -32.16 4.56
C LEU A 245 -6.45 -32.60 3.30
N CYS A 246 -5.29 -33.21 3.48
CA CYS A 246 -4.46 -33.69 2.39
C CYS A 246 -5.22 -34.67 1.51
N GLU A 247 -5.96 -35.57 2.12
CA GLU A 247 -6.79 -36.51 1.38
C GLU A 247 -7.93 -35.82 0.64
N GLU A 248 -8.67 -34.97 1.37
CA GLU A 248 -9.84 -34.30 0.85
C GLU A 248 -9.46 -33.49 -0.37
N ILE A 249 -8.38 -32.73 -0.25
CA ILE A 249 -7.84 -31.96 -1.37
C ILE A 249 -7.48 -32.87 -2.56
N ASN A 250 -6.84 -33.99 -2.28
CA ASN A 250 -6.48 -34.93 -3.33
C ASN A 250 -7.66 -35.55 -4.05
N ALA A 251 -8.64 -36.02 -3.29
CA ALA A 251 -9.81 -36.65 -3.89
C ALA A 251 -10.50 -35.69 -4.87
N ILE A 252 -10.45 -34.40 -4.57
CA ILE A 252 -11.03 -33.38 -5.44
C ILE A 252 -10.18 -33.13 -6.69
N ARG A 253 -8.86 -33.09 -6.55
CA ARG A 253 -7.95 -32.87 -7.68
C ARG A 253 -8.04 -34.01 -8.68
N PHE A 254 -7.97 -35.24 -8.16
CA PHE A 254 -7.78 -36.39 -9.02
C PHE A 254 -9.09 -37.04 -9.43
N ALA A 255 -10.21 -36.42 -9.05
CA ALA A 255 -11.55 -36.92 -9.40
C ALA A 255 -11.72 -36.96 -10.92
N LYS A 256 -12.08 -38.13 -11.43
CA LYS A 256 -12.24 -38.31 -12.87
C LYS A 256 -13.73 -38.24 -13.23
N GLY A 257 -14.04 -37.63 -14.37
CA GLY A 257 -15.43 -37.50 -14.80
C GLY A 257 -15.92 -36.07 -14.78
N ALA A 258 -16.96 -35.79 -15.58
CA ALA A 258 -17.43 -34.42 -15.83
C ALA A 258 -18.21 -33.82 -14.65
N SER A 259 -18.24 -32.50 -14.56
CA SER A 259 -18.92 -31.83 -13.47
C SER A 259 -20.39 -31.46 -13.76
N VAL A 260 -21.15 -31.25 -12.69
CA VAL A 260 -22.52 -30.79 -12.76
C VAL A 260 -22.62 -29.44 -13.47
N GLU A 261 -21.68 -28.55 -13.17
CA GLU A 261 -21.66 -27.21 -13.75
C GLU A 261 -21.42 -27.25 -15.25
N LEU A 262 -20.55 -28.16 -15.69
CA LEU A 262 -20.36 -28.39 -17.12
C LEU A 262 -21.66 -28.85 -17.78
N ALA A 263 -22.25 -29.91 -17.23
CA ALA A 263 -23.49 -30.48 -17.76
C ALA A 263 -24.60 -29.43 -17.85
N LYS A 264 -24.72 -28.62 -16.79
CA LYS A 264 -25.72 -27.57 -16.75
C LYS A 264 -25.40 -26.50 -17.78
N ALA A 265 -24.16 -26.02 -17.79
CA ALA A 265 -23.77 -24.95 -18.71
C ALA A 265 -24.20 -25.27 -20.12
N LEU A 266 -23.89 -26.47 -20.57
CA LEU A 266 -24.19 -26.91 -21.92
C LEU A 266 -25.64 -26.66 -22.35
N VAL A 267 -26.58 -26.93 -21.45
CA VAL A 267 -28.00 -26.77 -21.71
C VAL A 267 -28.34 -25.30 -21.76
N ASP A 268 -27.82 -24.54 -20.80
CA ASP A 268 -28.02 -23.11 -20.75
C ASP A 268 -27.40 -22.46 -21.98
N SER A 269 -26.14 -22.79 -22.24
CA SER A 269 -25.41 -22.32 -23.41
C SER A 269 -26.10 -22.73 -24.71
N HIS A 270 -27.05 -23.65 -24.61
CA HIS A 270 -27.79 -24.20 -25.75
C HIS A 270 -26.95 -24.99 -26.72
N CYS A 271 -25.83 -25.50 -26.23
CA CYS A 271 -25.02 -26.39 -27.05
C CYS A 271 -25.73 -27.72 -27.20
N VAL A 272 -26.36 -28.19 -26.13
CA VAL A 272 -27.26 -29.31 -26.24
C VAL A 272 -28.67 -28.80 -26.18
N ARG A 273 -29.41 -29.00 -27.25
CA ARG A 273 -30.80 -28.59 -27.26
C ARG A 273 -31.76 -29.73 -27.58
N PHE A 274 -33.00 -29.55 -27.16
CA PHE A 274 -34.01 -30.53 -27.37
C PHE A 274 -34.99 -30.02 -28.43
N GLY A 275 -35.36 -30.90 -29.35
CA GLY A 275 -36.38 -30.61 -30.35
C GLY A 275 -36.89 -31.89 -30.96
N ASN A 276 -37.22 -31.84 -32.24
CA ASN A 276 -37.70 -33.03 -32.94
C ASN A 276 -36.84 -33.36 -34.16
N PHE A 277 -35.54 -33.23 -34.00
CA PHE A 277 -34.57 -33.39 -35.09
C PHE A 277 -34.60 -34.73 -35.79
N THR A 278 -34.45 -34.70 -37.11
CA THR A 278 -34.34 -35.92 -37.93
C THR A 278 -32.94 -36.01 -38.55
N LEU A 279 -32.26 -37.12 -38.29
CA LEU A 279 -30.86 -37.29 -38.70
C LEU A 279 -30.70 -37.88 -40.11
N LYS A 280 -29.44 -37.91 -40.58
CA LYS A 280 -29.06 -38.54 -41.86
C LYS A 280 -29.33 -40.05 -41.83
N SER A 281 -29.34 -40.62 -40.62
CA SER A 281 -29.74 -42.00 -40.39
C SER A 281 -31.23 -42.23 -40.67
N GLY A 282 -31.97 -41.16 -40.93
CA GLY A 282 -33.40 -41.26 -41.25
C GLY A 282 -34.31 -41.31 -40.03
N LYS A 283 -33.83 -41.94 -38.94
CA LYS A 283 -34.56 -41.99 -37.68
C LYS A 283 -34.47 -40.63 -36.98
N SER A 284 -35.54 -40.26 -36.28
CA SER A 284 -35.60 -38.98 -35.56
C SER A 284 -34.99 -39.04 -34.16
N SER A 285 -34.63 -37.86 -33.65
CA SER A 285 -33.93 -37.70 -32.38
C SER A 285 -34.46 -36.51 -31.58
N PRO A 286 -34.59 -36.68 -30.25
CA PRO A 286 -35.17 -35.63 -29.44
C PRO A 286 -34.14 -34.57 -29.01
N ILE A 287 -32.86 -34.81 -29.27
CA ILE A 287 -31.79 -33.95 -28.79
C ILE A 287 -30.77 -33.70 -29.90
N TYR A 288 -30.22 -32.49 -29.94
CA TYR A 288 -29.12 -32.17 -30.85
C TYR A 288 -28.01 -31.45 -30.09
N ILE A 289 -26.76 -31.76 -30.45
CA ILE A 289 -25.56 -31.19 -29.80
C ILE A 289 -24.74 -30.34 -30.76
N ASP A 290 -24.73 -29.03 -30.53
CA ASP A 290 -23.96 -28.12 -31.36
C ASP A 290 -23.05 -27.24 -30.53
N LEU A 291 -21.76 -27.51 -30.60
CA LEU A 291 -20.78 -26.74 -29.83
C LEU A 291 -20.17 -25.62 -30.69
N ARG A 292 -20.78 -25.36 -31.84
CA ARG A 292 -20.36 -24.28 -32.71
C ARG A 292 -20.60 -22.93 -32.03
N ARG A 293 -21.74 -22.83 -31.34
CA ARG A 293 -22.17 -21.58 -30.71
C ARG A 293 -21.46 -21.33 -29.38
N LEU A 294 -20.50 -22.17 -29.06
CA LEU A 294 -19.77 -22.03 -27.81
C LEU A 294 -18.97 -20.72 -27.78
N VAL A 295 -18.79 -20.11 -28.95
CA VAL A 295 -17.95 -18.92 -29.09
C VAL A 295 -18.59 -17.67 -28.49
N THR A 296 -19.87 -17.74 -28.18
CA THR A 296 -20.57 -16.59 -27.61
C THR A 296 -20.55 -16.60 -26.08
N TYR A 297 -20.21 -17.73 -25.50
CA TYR A 297 -20.17 -17.86 -24.04
C TYR A 297 -18.74 -18.19 -23.56
N PRO A 298 -17.89 -17.15 -23.46
CA PRO A 298 -16.47 -17.33 -23.12
C PRO A 298 -16.20 -18.02 -21.77
N ALA A 299 -17.08 -17.81 -20.79
CA ALA A 299 -16.88 -18.40 -19.46
C ALA A 299 -17.13 -19.91 -19.49
N ILE A 300 -18.19 -20.30 -20.23
CA ILE A 300 -18.51 -21.69 -20.53
C ILE A 300 -17.37 -22.32 -21.32
N MET A 301 -16.93 -21.64 -22.38
CA MET A 301 -15.76 -22.01 -23.15
C MET A 301 -14.52 -22.24 -22.28
N ARG A 302 -14.35 -21.50 -21.19
CA ARG A 302 -13.31 -21.81 -20.23
C ARG A 302 -13.59 -23.14 -19.55
N LEU A 303 -14.79 -23.31 -18.99
CA LEU A 303 -15.17 -24.56 -18.34
C LEU A 303 -14.89 -25.76 -19.24
N VAL A 304 -15.31 -25.65 -20.49
CA VAL A 304 -15.13 -26.70 -21.46
C VAL A 304 -13.65 -27.05 -21.60
N ALA A 305 -12.81 -26.03 -21.71
CA ALA A 305 -11.36 -26.22 -21.81
C ALA A 305 -10.75 -26.93 -20.59
N ARG A 306 -11.22 -26.55 -19.41
CA ARG A 306 -10.75 -27.11 -18.15
C ARG A 306 -11.10 -28.60 -18.09
N GLU A 307 -12.27 -28.93 -18.63
CA GLU A 307 -12.79 -30.29 -18.66
C GLU A 307 -12.03 -31.15 -19.67
N TYR A 308 -11.74 -30.59 -20.85
CA TYR A 308 -10.86 -31.22 -21.81
C TYR A 308 -9.49 -31.46 -21.17
N ALA A 309 -8.97 -30.46 -20.46
CA ALA A 309 -7.64 -30.56 -19.87
C ALA A 309 -7.56 -31.69 -18.83
N LYS A 310 -8.62 -31.86 -18.03
CA LYS A 310 -8.66 -33.00 -17.12
C LYS A 310 -8.31 -34.32 -17.79
N VAL A 311 -8.89 -34.59 -18.95
CA VAL A 311 -8.59 -35.80 -19.71
C VAL A 311 -7.16 -35.75 -20.26
N LEU A 312 -6.79 -34.61 -20.83
CA LEU A 312 -5.55 -34.52 -21.60
C LEU A 312 -4.33 -34.66 -20.72
N ARG A 313 -4.59 -34.46 -19.43
CA ARG A 313 -3.60 -34.54 -18.37
C ARG A 313 -2.88 -35.88 -18.36
N HIS A 314 -3.61 -36.95 -18.65
CA HIS A 314 -3.05 -38.30 -18.60
C HIS A 314 -2.37 -38.78 -19.90
N TYR A 315 -2.23 -37.89 -20.88
CA TYR A 315 -1.56 -38.25 -22.12
C TYR A 315 -0.14 -37.66 -22.22
N LYS A 316 0.68 -38.24 -23.09
CA LYS A 316 1.98 -37.63 -23.44
C LYS A 316 2.01 -37.13 -24.89
N PHE A 317 2.11 -35.81 -25.05
CA PHE A 317 2.10 -35.19 -26.38
C PHE A 317 2.88 -33.87 -26.37
N ASP A 318 3.19 -33.37 -27.56
CA ASP A 318 3.93 -32.14 -27.76
C ASP A 318 2.97 -31.02 -28.09
N ARG A 319 2.00 -31.29 -28.96
CA ARG A 319 1.07 -30.27 -29.44
C ARG A 319 -0.37 -30.76 -29.44
N ILE A 320 -1.31 -29.82 -29.55
CA ILE A 320 -2.69 -30.19 -29.81
C ILE A 320 -3.14 -29.68 -31.17
N ALA A 321 -3.92 -30.50 -31.87
CA ALA A 321 -4.48 -30.11 -33.15
C ALA A 321 -5.98 -29.89 -33.04
N GLY A 322 -6.42 -28.71 -33.45
CA GLY A 322 -7.84 -28.40 -33.47
C GLY A 322 -8.40 -28.48 -34.88
N LEU A 323 -9.61 -29.01 -35.00
CA LEU A 323 -10.25 -29.13 -36.30
C LEU A 323 -11.29 -28.03 -36.52
N PRO A 324 -11.04 -27.15 -37.48
CA PRO A 324 -11.98 -26.08 -37.81
C PRO A 324 -13.34 -26.62 -38.29
N TYR A 325 -14.45 -25.90 -38.06
CA TYR A 325 -14.45 -24.61 -37.37
C TYR A 325 -14.84 -24.76 -35.90
N ALA A 326 -15.72 -25.70 -35.61
CA ALA A 326 -16.30 -25.82 -34.27
C ALA A 326 -15.24 -26.00 -33.20
N ALA A 327 -14.20 -26.77 -33.52
CA ALA A 327 -13.20 -27.20 -32.51
C ALA A 327 -11.90 -26.36 -32.52
N LEU A 328 -11.84 -25.38 -33.40
CA LEU A 328 -10.68 -24.47 -33.42
C LEU A 328 -10.64 -23.54 -32.21
N PRO A 329 -11.78 -22.90 -31.88
CA PRO A 329 -11.79 -22.04 -30.70
C PRO A 329 -11.70 -22.85 -29.42
N ILE A 330 -12.26 -24.06 -29.46
CA ILE A 330 -12.18 -24.96 -28.31
C ILE A 330 -10.74 -25.36 -28.03
N ALA A 331 -10.03 -25.77 -29.09
CA ALA A 331 -8.62 -26.10 -29.03
C ALA A 331 -7.78 -24.93 -28.52
N SER A 332 -8.10 -23.73 -29.00
CA SER A 332 -7.44 -22.51 -28.57
C SER A 332 -7.63 -22.25 -27.09
N ALA A 333 -8.83 -22.55 -26.60
CA ALA A 333 -9.11 -22.40 -25.18
C ALA A 333 -8.28 -23.36 -24.35
N ILE A 334 -8.15 -24.60 -24.83
CA ILE A 334 -7.35 -25.62 -24.14
C ILE A 334 -5.90 -25.17 -24.19
N SER A 335 -5.47 -24.82 -25.38
CA SER A 335 -4.11 -24.40 -25.65
C SER A 335 -3.69 -23.28 -24.72
N ASN A 336 -4.63 -22.43 -24.35
CA ASN A 336 -4.36 -21.42 -23.37
C ASN A 336 -4.24 -21.98 -21.96
N GLU A 337 -5.17 -22.85 -21.58
CA GLU A 337 -5.28 -23.37 -20.20
C GLU A 337 -4.08 -24.22 -19.84
N MET A 338 -3.67 -25.08 -20.78
CA MET A 338 -2.56 -26.01 -20.56
C MET A 338 -1.20 -25.38 -20.86
N ASN A 339 -1.21 -24.34 -21.71
CA ASN A 339 0.01 -23.68 -22.17
C ASN A 339 0.81 -24.52 -23.20
N VAL A 340 0.08 -25.33 -23.97
CA VAL A 340 0.65 -26.18 -25.02
C VAL A 340 0.35 -25.59 -26.39
N PRO A 341 1.32 -25.69 -27.33
CA PRO A 341 1.21 -25.17 -28.69
C PRO A 341 0.12 -25.87 -29.46
N LEU A 342 -0.59 -25.15 -30.32
CA LEU A 342 -1.57 -25.81 -31.16
C LEU A 342 -1.28 -25.75 -32.65
N ILE A 343 -2.14 -26.41 -33.41
CA ILE A 343 -1.91 -26.76 -34.80
C ILE A 343 -3.32 -26.84 -35.37
N TYR A 344 -3.50 -26.47 -36.64
CA TYR A 344 -4.78 -26.74 -37.31
C TYR A 344 -4.66 -26.94 -38.83
N PRO A 345 -5.39 -27.94 -39.37
CA PRO A 345 -5.46 -28.10 -40.82
C PRO A 345 -6.53 -27.19 -41.42
N ARG A 346 -6.28 -26.67 -42.61
CA ARG A 346 -7.20 -25.73 -43.24
C ARG A 346 -8.25 -26.46 -44.09
N ARG A 347 -9.16 -25.69 -44.70
CA ARG A 347 -10.19 -26.16 -45.64
C ARG A 347 -11.20 -27.15 -45.05
N GLU A 348 -11.48 -27.00 -43.75
CA GLU A 348 -12.38 -27.93 -43.01
C GLU A 348 -13.78 -27.34 -42.77
N ALA A 349 -14.64 -28.07 -42.05
CA ALA A 349 -16.01 -27.62 -41.78
C ALA A 349 -16.21 -27.20 -40.32
N ALA A 357 -2.77 -27.27 -46.07
CA ALA A 357 -1.60 -26.97 -45.25
C ALA A 357 -1.98 -26.92 -43.77
N ILE A 358 -0.96 -26.77 -42.92
CA ILE A 358 -1.17 -26.77 -41.49
C ILE A 358 -0.52 -25.53 -40.90
N GLU A 359 -1.34 -24.72 -40.24
CA GLU A 359 -0.83 -23.54 -39.60
C GLU A 359 -0.42 -23.90 -38.18
N GLY A 360 0.53 -23.14 -37.64
CA GLY A 360 1.21 -23.48 -36.41
C GLY A 360 2.53 -24.15 -36.73
N GLU A 361 3.52 -23.94 -35.86
CA GLU A 361 4.82 -24.58 -35.98
C GLU A 361 4.71 -26.05 -35.57
N TYR A 362 5.20 -26.94 -36.41
CA TYR A 362 5.25 -28.37 -36.10
C TYR A 362 6.47 -28.98 -36.77
N LYS A 363 7.11 -29.90 -36.07
CA LYS A 363 8.19 -30.70 -36.63
C LYS A 363 7.70 -32.13 -36.86
N LYS A 364 8.36 -32.82 -37.77
CA LYS A 364 7.99 -34.19 -38.12
C LYS A 364 8.20 -35.15 -36.95
N GLY A 365 7.19 -35.95 -36.65
CA GLY A 365 7.27 -36.91 -35.55
C GLY A 365 6.76 -36.36 -34.21
N ASP A 366 6.40 -35.08 -34.21
CA ASP A 366 5.72 -34.48 -33.08
C ASP A 366 4.51 -35.32 -32.70
N ARG A 367 4.24 -35.41 -31.40
CA ARG A 367 3.10 -36.16 -30.91
C ARG A 367 1.96 -35.21 -30.68
N VAL A 368 0.87 -35.40 -31.41
CA VAL A 368 -0.30 -34.53 -31.27
C VAL A 368 -1.53 -35.25 -30.71
N VAL A 369 -2.41 -34.48 -30.11
CA VAL A 369 -3.73 -34.97 -29.76
C VAL A 369 -4.75 -34.16 -30.56
N ILE A 370 -5.61 -34.86 -31.30
CA ILE A 370 -6.61 -34.20 -32.10
C ILE A 370 -7.81 -33.88 -31.22
N ILE A 371 -8.24 -32.63 -31.27
CA ILE A 371 -9.44 -32.17 -30.56
C ILE A 371 -10.59 -31.92 -31.53
N ASP A 372 -11.72 -32.58 -31.29
CA ASP A 372 -12.94 -32.25 -32.02
C ASP A 372 -14.06 -32.00 -31.03
N ASP A 373 -15.16 -31.42 -31.52
CA ASP A 373 -16.31 -31.13 -30.69
C ASP A 373 -17.10 -32.39 -30.32
N LEU A 374 -17.40 -33.19 -31.34
CA LEU A 374 -18.36 -34.26 -31.20
C LEU A 374 -17.91 -35.50 -32.00
N VAL A 375 -18.34 -36.68 -31.55
CA VAL A 375 -18.18 -37.93 -32.35
C VAL A 375 -19.46 -38.78 -32.47
N SER A 376 -19.87 -39.02 -33.71
CA SER A 376 -21.01 -39.91 -34.06
C SER A 376 -20.60 -41.06 -35.03
N THR A 377 -21.17 -42.25 -34.78
CA THR A 377 -20.95 -43.46 -35.61
C THR A 377 -19.55 -44.05 -35.42
N GLU A 379 -16.92 -41.09 -39.40
CA GLU A 379 -17.66 -40.87 -40.64
C GLU A 379 -17.18 -39.60 -41.35
N THR A 380 -16.69 -38.66 -40.55
CA THR A 380 -16.04 -37.45 -41.07
C THR A 380 -14.79 -37.09 -40.24
N LYS A 381 -14.70 -37.69 -39.05
CA LYS A 381 -13.53 -37.49 -38.19
C LYS A 381 -12.27 -38.17 -38.76
N VAL A 382 -12.41 -39.41 -39.25
CA VAL A 382 -11.29 -40.21 -39.80
C VAL A 382 -10.58 -39.62 -41.04
N GLU A 383 -11.24 -38.70 -41.75
CA GLU A 383 -10.71 -38.11 -42.99
C GLU A 383 -9.67 -37.01 -42.76
N ALA A 384 -10.03 -36.05 -41.91
CA ALA A 384 -9.12 -34.94 -41.56
C ALA A 384 -8.09 -35.37 -40.51
N ILE A 385 -8.41 -36.43 -39.76
CA ILE A 385 -7.50 -37.02 -38.80
C ILE A 385 -6.29 -37.62 -39.50
N GLU A 386 -6.30 -37.58 -40.83
CA GLU A 386 -5.25 -38.23 -41.62
C GLU A 386 -4.49 -37.24 -42.52
N LYS A 387 -5.12 -36.09 -42.78
CA LYS A 387 -4.42 -34.99 -43.43
C LYS A 387 -3.28 -34.45 -42.54
N LEU A 388 -3.37 -34.75 -41.23
CA LEU A 388 -2.33 -34.45 -40.23
C LEU A 388 -1.29 -35.55 -40.17
N ARG A 389 -1.75 -36.79 -40.00
CA ARG A 389 -0.86 -37.96 -39.97
C ARG A 389 0.02 -38.04 -41.22
N SER A 390 -0.53 -37.52 -42.33
CA SER A 390 0.19 -37.36 -43.59
C SER A 390 1.40 -36.41 -43.48
N ALA A 391 1.27 -35.34 -42.69
CA ALA A 391 2.38 -34.39 -42.55
C ALA A 391 3.50 -34.94 -41.65
N GLY A 392 3.33 -36.16 -41.18
CA GLY A 392 4.34 -36.84 -40.40
C GLY A 392 4.13 -36.63 -38.92
N LEU A 393 2.98 -36.07 -38.57
CA LEU A 393 2.65 -35.88 -37.16
C LEU A 393 2.04 -37.16 -36.62
N GLU A 394 2.32 -37.44 -35.37
CA GLU A 394 1.84 -38.66 -34.72
C GLU A 394 0.57 -38.41 -33.89
N VAL A 395 -0.54 -38.97 -34.35
CA VAL A 395 -1.79 -38.86 -33.62
C VAL A 395 -1.77 -39.78 -32.40
N VAL A 396 -1.60 -39.19 -31.23
CA VAL A 396 -1.65 -39.95 -29.99
C VAL A 396 -3.08 -40.38 -29.69
N SER A 397 -4.01 -39.45 -29.77
CA SER A 397 -5.40 -39.75 -29.47
C SER A 397 -6.34 -38.71 -30.08
N ILE A 398 -7.58 -39.12 -30.31
CA ILE A 398 -8.60 -38.18 -30.68
C ILE A 398 -9.49 -37.99 -29.45
N VAL A 399 -9.53 -36.75 -28.96
CA VAL A 399 -10.30 -36.42 -27.77
C VAL A 399 -11.46 -35.48 -28.08
N VAL A 400 -12.61 -35.76 -27.49
CA VAL A 400 -13.84 -35.10 -27.84
C VAL A 400 -14.61 -34.78 -26.56
N LEU A 401 -15.47 -33.76 -26.58
CA LEU A 401 -16.23 -33.39 -25.37
C LEU A 401 -17.33 -34.37 -25.13
N VAL A 402 -18.22 -34.49 -26.10
CA VAL A 402 -19.38 -35.36 -25.99
C VAL A 402 -19.29 -36.56 -26.94
N ASP A 403 -19.48 -37.74 -26.38
CA ASP A 403 -19.65 -38.97 -27.14
C ASP A 403 -21.15 -39.25 -27.15
N ARG A 404 -21.70 -39.45 -28.34
CA ARG A 404 -23.13 -39.74 -28.48
C ARG A 404 -23.47 -41.20 -28.13
N ASP A 405 -22.48 -41.95 -27.65
CA ASP A 405 -22.64 -43.37 -27.35
C ASP A 405 -23.20 -44.16 -28.53
N MET A 406 -22.63 -43.94 -29.72
CA MET A 406 -23.05 -44.63 -30.94
C MET A 406 -21.92 -45.47 -31.53
N GLY A 407 -21.12 -46.06 -30.65
CA GLY A 407 -20.05 -46.96 -31.05
C GLY A 407 -18.92 -46.31 -31.81
N ALA A 408 -18.66 -45.04 -31.52
CA ALA A 408 -17.47 -44.33 -32.01
C ALA A 408 -16.18 -44.95 -31.49
N LYS A 409 -16.09 -45.12 -30.17
CA LYS A 409 -14.91 -45.69 -29.52
C LYS A 409 -14.52 -47.01 -30.16
N ALA A 410 -15.51 -47.86 -30.39
CA ALA A 410 -15.30 -49.18 -30.97
C ALA A 410 -14.83 -49.05 -32.42
N PHE A 411 -15.59 -48.29 -33.21
CA PHE A 411 -15.31 -48.08 -34.63
C PHE A 411 -13.92 -47.48 -34.87
N LEU A 412 -13.53 -46.51 -34.04
CA LEU A 412 -12.22 -45.88 -34.16
C LEU A 412 -11.05 -46.78 -33.72
N ASN A 413 -11.29 -47.59 -32.69
CA ASN A 413 -10.31 -48.58 -32.23
C ASN A 413 -10.01 -49.62 -33.30
N LYS A 414 -11.04 -49.98 -34.07
CA LYS A 414 -10.89 -50.94 -35.16
C LYS A 414 -9.95 -50.37 -36.23
N LEU A 415 -10.01 -49.06 -36.42
CA LEU A 415 -9.13 -48.37 -37.37
C LEU A 415 -7.76 -48.07 -36.77
N GLY A 416 -7.51 -48.55 -35.54
CA GLY A 416 -6.22 -48.36 -34.84
C GLY A 416 -5.96 -46.98 -34.24
N TYR A 417 -7.02 -46.17 -34.12
CA TYR A 417 -6.93 -44.83 -33.53
C TYR A 417 -7.45 -44.80 -32.06
N ASP A 418 -6.63 -44.28 -31.15
CA ASP A 418 -7.05 -44.11 -29.75
C ASP A 418 -8.06 -42.97 -29.58
N PHE A 419 -9.04 -43.20 -28.71
CA PHE A 419 -10.16 -42.29 -28.56
C PHE A 419 -10.57 -42.14 -27.11
N GLU A 420 -11.07 -40.95 -26.77
CA GLU A 420 -11.67 -40.70 -25.47
C GLU A 420 -12.62 -39.49 -25.46
N ALA A 421 -13.68 -39.58 -24.65
CA ALA A 421 -14.62 -38.47 -24.50
C ALA A 421 -14.65 -37.98 -23.08
N VAL A 422 -14.93 -36.69 -22.91
CA VAL A 422 -15.08 -36.07 -21.59
C VAL A 422 -16.34 -36.56 -20.84
N VAL A 423 -17.48 -36.51 -21.55
CA VAL A 423 -18.77 -37.02 -21.05
C VAL A 423 -19.48 -37.80 -22.15
N GLY A 424 -20.18 -38.84 -21.75
CA GLY A 424 -21.05 -39.59 -22.66
C GLY A 424 -22.48 -39.13 -22.48
N LEU A 425 -23.31 -39.38 -23.47
CA LEU A 425 -24.70 -38.95 -23.43
C LEU A 425 -25.45 -39.56 -22.26
N HIS A 426 -25.22 -40.85 -22.02
CA HIS A 426 -25.79 -41.51 -20.86
C HIS A 426 -25.31 -40.85 -19.57
N GLN A 427 -24.02 -40.55 -19.47
CA GLN A 427 -23.47 -39.94 -18.29
C GLN A 427 -24.06 -38.55 -18.00
N LEU A 428 -24.50 -37.84 -19.04
CA LEU A 428 -25.08 -36.52 -18.82
C LEU A 428 -26.44 -36.58 -18.09
N LEU A 429 -27.19 -37.64 -18.36
CA LEU A 429 -28.50 -37.86 -17.76
C LEU A 429 -28.55 -37.66 -16.24
N PRO A 430 -27.69 -38.35 -15.47
CA PRO A 430 -27.75 -38.10 -14.04
C PRO A 430 -27.08 -36.80 -13.61
N LEU A 431 -26.19 -36.28 -14.46
CA LEU A 431 -25.43 -35.07 -14.15
C LEU A 431 -26.29 -33.82 -14.23
N TRP A 432 -27.31 -33.87 -15.07
CA TRP A 432 -28.18 -32.72 -15.19
C TRP A 432 -29.54 -33.04 -14.65
N ARG A 433 -29.63 -34.15 -13.97
CA ARG A 433 -30.79 -34.43 -13.14
C ARG A 433 -30.44 -33.87 -11.77
N LYS A 434 -29.14 -33.78 -11.53
CA LYS A 434 -28.60 -33.31 -10.26
C LYS A 434 -28.70 -31.79 -10.13
N SER A 435 -29.13 -31.13 -11.20
CA SER A 435 -29.29 -29.68 -11.19
C SER A 435 -30.57 -29.30 -11.88
N ASN A 436 -31.43 -30.28 -12.14
CA ASN A 436 -32.71 -30.07 -12.83
C ASN A 436 -32.60 -29.42 -14.20
N ALA A 437 -31.48 -29.61 -14.88
CA ALA A 437 -31.24 -29.00 -16.18
C ALA A 437 -32.17 -29.58 -17.22
N ILE A 438 -32.74 -30.74 -16.89
CA ILE A 438 -33.51 -31.55 -17.82
C ILE A 438 -34.69 -32.11 -17.04
N THR A 439 -35.83 -32.26 -17.72
CA THR A 439 -37.01 -32.82 -17.12
C THR A 439 -37.04 -34.35 -17.25
N SER A 440 -37.96 -35.00 -16.53
CA SER A 440 -37.96 -36.46 -16.47
C SER A 440 -38.45 -37.05 -17.78
N GLN A 441 -39.31 -36.29 -18.46
CA GLN A 441 -39.82 -36.68 -19.77
C GLN A 441 -38.71 -36.50 -20.77
N GLN A 442 -37.99 -35.40 -20.61
CA GLN A 442 -36.85 -35.06 -21.43
C GLN A 442 -35.76 -36.11 -21.22
N GLU A 443 -35.70 -36.67 -20.01
CA GLU A 443 -34.78 -37.77 -19.75
C GLU A 443 -35.25 -39.05 -20.42
N ALA A 444 -36.54 -39.33 -20.31
CA ALA A 444 -37.13 -40.56 -20.82
C ALA A 444 -36.91 -40.69 -22.31
N ASP A 445 -37.08 -39.60 -23.03
CA ASP A 445 -37.00 -39.59 -24.49
C ASP A 445 -35.56 -39.79 -24.98
N VAL A 446 -34.63 -39.14 -24.32
CA VAL A 446 -33.22 -39.31 -24.61
C VAL A 446 -32.82 -40.75 -24.31
N ARG A 447 -33.23 -41.25 -23.16
CA ARG A 447 -32.93 -42.61 -22.74
C ARG A 447 -33.45 -43.61 -23.77
N ALA A 448 -34.71 -43.44 -24.17
CA ALA A 448 -35.36 -44.31 -25.17
C ALA A 448 -34.73 -44.19 -26.55
N PHE A 449 -34.26 -43.00 -26.90
CA PHE A 449 -33.59 -42.79 -28.19
C PHE A 449 -32.29 -43.59 -28.24
N LEU A 450 -31.57 -43.65 -27.12
CA LEU A 450 -30.32 -44.39 -27.06
C LEU A 450 -30.50 -45.91 -27.12
N GLY A 451 -31.64 -46.39 -26.66
CA GLY A 451 -31.93 -47.82 -26.63
C GLY A 451 -31.91 -48.51 -27.98
N GLN A 452 -32.01 -47.71 -29.04
CA GLN A 452 -31.99 -48.21 -30.42
C GLN A 452 -30.60 -48.71 -30.86
N TRP A 453 -29.56 -48.34 -30.13
CA TRP A 453 -28.20 -48.75 -30.48
C TRP A 453 -27.66 -49.83 -29.52
N THR B 1 -2.47 11.89 28.15
CA THR B 1 -1.88 11.47 26.85
C THR B 1 -1.74 12.61 25.84
N MET B 2 -0.87 12.42 24.85
CA MET B 2 -0.73 13.36 23.73
C MET B 2 -0.56 12.59 22.42
N SER B 3 -1.28 13.03 21.40
CA SER B 3 -1.25 12.40 20.07
C SER B 3 0.02 12.78 19.28
N PHE B 4 0.20 12.08 18.16
CA PHE B 4 1.32 12.30 17.23
C PHE B 4 1.29 13.72 16.62
N PHE B 5 0.10 14.15 16.25
CA PHE B 5 -0.09 15.42 15.57
C PHE B 5 0.01 16.61 16.53
N ASP B 6 -0.22 16.33 17.81
CA ASP B 6 0.02 17.30 18.88
C ASP B 6 1.51 17.60 18.93
N LEU B 7 2.32 16.54 19.10
CA LEU B 7 3.77 16.67 19.10
C LEU B 7 4.33 17.26 17.82
N LEU B 8 3.81 16.79 16.68
CA LEU B 8 4.32 17.21 15.37
C LEU B 8 4.01 18.68 15.05
N ASN B 9 2.77 19.12 15.23
CA ASN B 9 2.40 20.52 15.00
C ASN B 9 3.29 21.48 15.81
N GLU B 10 3.70 21.04 17.00
CA GLU B 10 4.63 21.78 17.84
C GLU B 10 5.96 22.02 17.12
N ARG B 11 6.52 20.96 16.54
CA ARG B 11 7.78 21.08 15.80
C ARG B 11 7.58 21.70 14.42
N ALA B 12 6.35 21.66 13.93
CA ALA B 12 6.02 22.16 12.59
C ALA B 12 6.02 23.70 12.58
N LYS B 13 5.75 24.27 13.74
CA LYS B 13 5.93 25.70 13.94
C LYS B 13 7.41 26.11 13.76
N ARG B 14 8.32 25.14 13.87
CA ARG B 14 9.75 25.41 13.72
C ARG B 14 10.36 24.84 12.44
N SER B 15 10.07 23.57 12.16
CA SER B 15 10.69 22.87 11.05
C SER B 15 9.78 21.77 10.48
N LEU B 16 10.15 21.26 9.31
CA LEU B 16 9.40 20.20 8.62
C LEU B 16 10.30 19.03 8.23
N LEU B 17 11.58 19.13 8.58
CA LEU B 17 12.55 18.11 8.19
C LEU B 17 12.44 16.82 9.00
N CYS B 18 12.35 15.70 8.29
CA CYS B 18 12.29 14.39 8.92
C CYS B 18 13.59 13.59 8.67
N VAL B 19 14.23 13.18 9.76
CA VAL B 19 15.51 12.50 9.68
C VAL B 19 15.34 10.99 9.53
N GLY B 20 15.77 10.48 8.38
CA GLY B 20 15.71 9.06 8.14
C GLY B 20 16.86 8.37 8.82
N LEU B 21 16.53 7.43 9.71
CA LEU B 21 17.53 6.59 10.36
C LEU B 21 17.64 5.23 9.68
N ASP B 22 18.50 5.17 8.66
CA ASP B 22 18.73 3.96 7.88
C ASP B 22 20.20 3.48 8.04
N PRO B 23 20.51 2.84 9.19
CA PRO B 23 21.85 2.40 9.62
C PRO B 23 22.90 2.16 8.52
N ARG B 24 22.85 0.99 7.88
CA ARG B 24 23.89 0.53 6.92
C ARG B 24 25.29 0.57 7.53
N ALA B 25 25.62 -0.40 8.36
CA ALA B 25 26.89 -0.38 9.09
C ALA B 25 27.47 -1.77 9.22
N LYS B 26 28.71 -1.85 9.69
CA LYS B 26 29.42 -3.12 9.89
C LYS B 26 28.57 -4.12 10.67
N THR B 27 28.21 -3.75 11.90
CA THR B 27 27.47 -4.62 12.82
C THR B 27 26.22 -3.90 13.37
N ALA B 28 25.51 -4.61 14.26
CA ALA B 28 24.33 -4.05 14.93
C ALA B 28 24.72 -2.97 15.93
N ALA B 29 25.86 -3.17 16.61
CA ALA B 29 26.43 -2.19 17.53
C ALA B 29 26.85 -0.93 16.79
N ALA B 30 27.52 -1.12 15.65
CA ALA B 30 27.93 -0.01 14.78
C ALA B 30 26.71 0.81 14.33
N ALA B 31 25.60 0.10 14.06
CA ALA B 31 24.36 0.69 13.58
C ALA B 31 23.78 1.66 14.60
N VAL B 32 23.76 1.21 15.86
CA VAL B 32 23.28 2.04 16.97
C VAL B 32 24.15 3.30 17.12
N GLU B 33 25.47 3.10 17.04
CA GLU B 33 26.45 4.20 17.18
C GLU B 33 26.17 5.31 16.19
N GLU B 34 26.09 4.95 14.91
CA GLU B 34 25.88 5.91 13.84
C GLU B 34 24.61 6.72 14.06
N CYS B 35 23.55 6.02 14.45
CA CYS B 35 22.26 6.65 14.68
C CYS B 35 22.27 7.58 15.88
N LYS B 36 22.76 7.10 17.02
CA LYS B 36 22.92 7.92 18.23
C LYS B 36 23.62 9.25 17.90
N ARG B 37 24.74 9.15 17.18
CA ARG B 37 25.50 10.30 16.71
C ARG B 37 24.70 11.17 15.74
N LEU B 38 23.87 10.53 14.90
CA LEU B 38 23.02 11.25 13.94
C LEU B 38 21.83 11.94 14.62
N ILE B 39 21.40 11.41 15.75
CA ILE B 39 20.32 12.03 16.54
C ILE B 39 20.80 13.32 17.22
N GLU B 40 21.91 13.21 17.96
CA GLU B 40 22.47 14.32 18.72
C GLU B 40 22.82 15.51 17.83
N GLN B 41 23.19 15.21 16.57
CA GLN B 41 23.61 16.24 15.63
C GLN B 41 22.43 17.04 15.06
N THR B 42 21.31 16.36 14.83
CA THR B 42 20.22 16.91 14.03
C THR B 42 19.00 17.40 14.83
N HIS B 43 18.89 16.94 16.08
CA HIS B 43 17.64 17.07 16.85
C HIS B 43 17.03 18.48 16.97
N GLU B 44 17.89 19.51 17.05
CA GLU B 44 17.41 20.91 17.12
C GLU B 44 16.50 21.28 15.94
N TYR B 45 16.89 20.82 14.74
CA TYR B 45 16.20 21.25 13.50
C TYR B 45 15.23 20.20 12.95
N ALA B 46 15.16 19.04 13.63
CA ALA B 46 14.34 17.91 13.19
C ALA B 46 12.88 18.02 13.61
N ALA B 47 11.98 17.89 12.64
CA ALA B 47 10.55 17.84 12.93
C ALA B 47 10.15 16.41 13.30
N ALA B 48 10.80 15.42 12.68
CA ALA B 48 10.49 14.01 12.91
C ALA B 48 11.71 13.12 12.65
N TYR B 49 11.71 11.93 13.24
CA TYR B 49 12.72 10.91 12.95
C TYR B 49 12.04 9.65 12.41
N LYS B 50 12.70 8.98 11.47
CA LYS B 50 12.09 7.87 10.75
C LYS B 50 13.03 6.68 10.56
N PRO B 51 13.02 5.74 11.54
CA PRO B 51 13.77 4.50 11.37
C PRO B 51 13.03 3.56 10.43
N ASN B 52 13.74 3.10 9.41
CA ASN B 52 13.16 2.16 8.44
C ASN B 52 13.56 0.77 8.85
N ALA B 53 12.57 -0.04 9.20
CA ALA B 53 12.79 -1.36 9.82
C ALA B 53 13.82 -2.22 9.11
N ALA B 54 13.83 -2.12 7.78
CA ALA B 54 14.66 -2.99 6.94
C ALA B 54 16.11 -3.11 7.38
N PHE B 55 16.74 -1.97 7.63
CA PHE B 55 18.16 -1.89 7.93
C PHE B 55 18.50 -2.41 9.32
N PHE B 56 17.50 -2.40 10.20
CA PHE B 56 17.63 -2.94 11.54
C PHE B 56 17.34 -4.45 11.54
N GLU B 57 16.29 -4.83 10.81
CA GLU B 57 15.90 -6.22 10.66
C GLU B 57 16.98 -7.00 9.93
N PHE B 58 17.86 -6.27 9.26
CA PHE B 58 19.01 -6.86 8.59
C PHE B 58 19.86 -7.63 9.56
N PHE B 59 19.98 -7.12 10.79
CA PHE B 59 20.89 -7.68 11.77
C PHE B 59 20.28 -8.80 12.61
N GLY B 60 19.11 -9.26 12.21
CA GLY B 60 18.46 -10.37 12.90
C GLY B 60 18.01 -10.02 14.30
N ALA B 61 18.28 -10.93 15.24
CA ALA B 61 17.90 -10.77 16.64
C ALA B 61 18.54 -9.55 17.30
N GLU B 62 19.85 -9.39 17.08
CA GLU B 62 20.61 -8.25 17.57
C GLU B 62 20.11 -6.94 16.95
N GLY B 63 19.54 -7.06 15.75
CA GLY B 63 18.99 -5.90 15.04
C GLY B 63 17.68 -5.39 15.62
N TRP B 64 16.93 -6.27 16.26
CA TRP B 64 15.67 -5.88 16.85
C TRP B 64 15.81 -5.15 18.16
N ALA B 65 16.75 -5.63 18.98
CA ALA B 65 17.12 -4.99 20.23
C ALA B 65 17.77 -3.65 19.92
N ALA B 66 18.39 -3.57 18.74
CA ALA B 66 19.05 -2.35 18.27
C ALA B 66 18.04 -1.27 17.90
N LEU B 67 16.95 -1.67 17.24
CA LEU B 67 15.92 -0.74 16.82
C LEU B 67 15.26 -0.09 18.02
N SER B 68 15.02 -0.91 19.04
CA SER B 68 14.33 -0.47 20.23
C SER B 68 15.12 0.55 21.04
N GLU B 69 16.44 0.38 21.10
CA GLU B 69 17.35 1.31 21.80
C GLU B 69 17.42 2.66 21.09
N VAL B 70 17.59 2.61 19.77
CA VAL B 70 17.61 3.80 18.94
C VAL B 70 16.31 4.62 19.08
N ILE B 71 15.17 3.93 19.19
CA ILE B 71 13.87 4.60 19.34
C ILE B 71 13.77 5.37 20.66
N ARG B 72 14.31 4.78 21.73
CA ARG B 72 14.30 5.42 23.05
C ARG B 72 15.36 6.51 23.17
N ALA B 73 16.39 6.41 22.32
CA ALA B 73 17.45 7.43 22.24
C ALA B 73 17.00 8.69 21.49
N VAL B 74 15.70 8.86 21.33
CA VAL B 74 15.13 10.06 20.73
C VAL B 74 14.50 10.89 21.83
N PRO B 75 14.96 12.14 21.99
CA PRO B 75 14.43 13.05 23.01
C PRO B 75 12.92 13.14 22.97
N ALA B 76 12.27 13.14 24.14
CA ALA B 76 10.80 13.14 24.25
C ALA B 76 10.14 14.41 23.73
N GLY B 77 10.12 14.57 22.40
CA GLY B 77 9.51 15.73 21.76
C GLY B 77 9.59 15.67 20.25
N ILE B 78 10.36 14.70 19.75
CA ILE B 78 10.42 14.44 18.32
C ILE B 78 9.73 13.12 18.05
N PRO B 79 8.56 13.16 17.37
CA PRO B 79 7.77 11.97 17.08
C PRO B 79 8.55 11.00 16.21
N VAL B 80 8.40 9.72 16.48
CA VAL B 80 9.13 8.69 15.76
C VAL B 80 8.18 7.94 14.83
N VAL B 81 8.43 8.05 13.52
CA VAL B 81 7.66 7.30 12.53
C VAL B 81 8.40 6.04 12.10
N LEU B 82 7.82 4.89 12.40
CA LEU B 82 8.38 3.62 11.99
C LEU B 82 8.01 3.37 10.53
N ASP B 83 9.02 3.34 9.66
CA ASP B 83 8.80 2.93 8.29
C ASP B 83 8.91 1.41 8.21
N ALA B 84 7.75 0.76 8.29
CA ALA B 84 7.65 -0.68 8.33
C ALA B 84 6.77 -1.17 7.18
N LYS B 85 5.92 -0.28 6.67
CA LYS B 85 5.02 -0.55 5.55
C LYS B 85 4.18 -1.81 5.76
N ARG B 86 3.50 -1.89 6.90
CA ARG B 86 2.72 -3.07 7.25
C ARG B 86 1.39 -3.09 6.53
N GLY B 87 0.64 -4.18 6.67
CA GLY B 87 -0.66 -4.34 6.04
C GLY B 87 -0.99 -5.80 5.83
N ASP B 88 -1.87 -6.32 6.67
CA ASP B 88 -2.27 -7.73 6.63
C ASP B 88 -3.71 -7.82 7.13
N ILE B 89 -4.26 -9.03 7.18
CA ILE B 89 -5.61 -9.25 7.71
C ILE B 89 -5.71 -8.82 9.18
N ALA B 90 -6.84 -8.21 9.53
CA ALA B 90 -7.03 -7.55 10.83
C ALA B 90 -6.32 -8.26 11.99
N ASP B 91 -6.58 -9.56 12.12
CA ASP B 91 -6.04 -10.35 13.22
C ASP B 91 -4.52 -10.42 13.21
N THR B 92 -3.92 -10.48 12.02
CA THR B 92 -2.47 -10.48 11.91
C THR B 92 -1.97 -9.06 12.11
N ALA B 93 -2.70 -8.09 11.58
CA ALA B 93 -2.29 -6.68 11.70
C ALA B 93 -2.23 -6.20 13.14
N ASP B 94 -3.12 -6.74 13.98
CA ASP B 94 -3.14 -6.45 15.40
C ASP B 94 -1.78 -6.65 16.03
N ALA B 95 -1.17 -7.80 15.77
CA ALA B 95 0.13 -8.13 16.32
C ALA B 95 1.19 -7.11 15.89
N TYR B 96 1.10 -6.67 14.64
CA TYR B 96 2.00 -5.67 14.11
C TYR B 96 1.78 -4.31 14.79
N ALA B 97 0.54 -4.03 15.14
CA ALA B 97 0.18 -2.74 15.75
C ALA B 97 0.71 -2.65 17.18
N THR B 98 0.57 -3.73 17.93
CA THR B 98 1.03 -3.78 19.30
C THR B 98 2.56 -3.74 19.34
N SER B 99 3.19 -4.36 18.34
CA SER B 99 4.64 -4.39 18.25
C SER B 99 5.21 -3.00 18.00
N ALA B 100 4.48 -2.17 17.26
CA ALA B 100 4.96 -0.85 16.89
C ALA B 100 4.65 0.23 17.93
N PHE B 101 3.49 0.13 18.57
CA PHE B 101 3.03 1.15 19.51
C PHE B 101 3.28 0.79 20.99
N LYS B 102 3.04 -0.47 21.34
CA LYS B 102 3.21 -0.92 22.73
C LYS B 102 4.63 -1.48 23.03
N HIS B 103 5.24 -2.17 22.07
CA HIS B 103 6.55 -2.77 22.29
C HIS B 103 7.70 -1.84 21.92
N LEU B 104 7.63 -1.23 20.73
CA LEU B 104 8.69 -0.35 20.24
C LEU B 104 8.48 1.12 20.60
N ASN B 105 7.27 1.45 21.00
CA ASN B 105 6.87 2.83 21.34
C ASN B 105 7.09 3.83 20.21
N ALA B 106 6.80 3.42 18.98
CA ALA B 106 6.81 4.35 17.86
C ALA B 106 5.50 5.11 17.89
N HIS B 107 5.51 6.31 17.33
CA HIS B 107 4.36 7.20 17.38
C HIS B 107 3.49 7.09 16.12
N ALA B 108 4.08 6.52 15.06
CA ALA B 108 3.43 6.40 13.77
C ALA B 108 4.04 5.26 12.96
N ILE B 109 3.29 4.78 11.98
CA ILE B 109 3.73 3.68 11.11
C ILE B 109 3.31 3.91 9.65
N THR B 110 4.15 3.46 8.72
CA THR B 110 3.76 3.38 7.31
C THR B 110 3.01 2.08 7.01
N ALA B 111 2.08 2.13 6.07
CA ALA B 111 1.23 0.98 5.73
C ALA B 111 0.74 0.96 4.27
N SER B 112 0.38 -0.23 3.77
CA SER B 112 -0.11 -0.38 2.40
C SER B 112 -1.62 -0.30 2.33
N PRO B 113 -2.14 0.46 1.36
CA PRO B 113 -3.58 0.58 1.15
C PRO B 113 -4.21 -0.69 0.59
N TYR B 114 -3.39 -1.57 0.01
CA TYR B 114 -3.88 -2.62 -0.90
C TYR B 114 -4.97 -3.50 -0.32
N MET B 115 -4.79 -3.92 0.91
CA MET B 115 -5.70 -4.88 1.51
C MET B 115 -6.98 -4.24 2.08
N GLY B 116 -7.25 -3.00 1.69
CA GLY B 116 -8.47 -2.32 2.08
C GLY B 116 -8.34 -1.68 3.45
N SER B 117 -9.43 -1.09 3.92
CA SER B 117 -9.46 -0.35 5.19
C SER B 117 -9.52 -1.26 6.41
N ASP B 118 -10.16 -2.42 6.26
CA ASP B 118 -10.29 -3.35 7.38
C ASP B 118 -8.95 -3.93 7.82
N SER B 119 -7.94 -3.72 6.98
CA SER B 119 -6.56 -4.12 7.28
C SER B 119 -5.79 -2.97 7.92
N LEU B 120 -6.40 -1.79 7.91
CA LEU B 120 -5.76 -0.59 8.41
C LEU B 120 -6.35 -0.12 9.74
N GLN B 121 -7.60 -0.50 10.01
CA GLN B 121 -8.28 -0.20 11.27
C GLN B 121 -7.49 -0.64 12.52
N PRO B 122 -6.83 -1.83 12.47
CA PRO B 122 -6.02 -2.24 13.62
C PRO B 122 -4.95 -1.23 14.02
N PHE B 123 -4.52 -0.41 13.07
CA PHE B 123 -3.52 0.63 13.30
C PHE B 123 -4.16 1.99 13.57
N MET B 124 -5.24 2.28 12.86
CA MET B 124 -5.97 3.55 12.97
C MET B 124 -6.78 3.69 14.27
N ARG B 125 -7.08 2.54 14.90
CA ARG B 125 -7.88 2.51 16.12
C ARG B 125 -7.14 3.14 17.30
N TYR B 126 -5.83 3.22 17.19
CA TYR B 126 -4.99 3.94 18.14
C TYR B 126 -5.12 5.43 17.87
N PRO B 127 -5.82 6.18 18.75
CA PRO B 127 -6.10 7.60 18.47
C PRO B 127 -4.86 8.49 18.64
N ASP B 128 -3.91 8.02 19.45
CA ASP B 128 -2.72 8.78 19.79
C ASP B 128 -1.64 8.62 18.72
N LYS B 129 -1.67 7.50 18.00
CA LYS B 129 -0.67 7.20 16.98
C LYS B 129 -1.17 7.58 15.58
N ALA B 130 -0.23 7.81 14.66
CA ALA B 130 -0.58 8.17 13.27
C ALA B 130 -0.32 7.04 12.28
N VAL B 131 -1.03 7.06 11.16
CA VAL B 131 -0.76 6.09 10.09
C VAL B 131 -0.62 6.82 8.75
N PHE B 132 0.53 6.65 8.12
CA PHE B 132 0.79 7.20 6.77
C PHE B 132 0.64 6.11 5.70
N VAL B 133 -0.47 6.14 4.99
CA VAL B 133 -0.77 5.18 3.94
C VAL B 133 0.03 5.52 2.69
N LEU B 134 0.50 4.49 1.98
CA LEU B 134 1.25 4.72 0.76
C LEU B 134 0.29 5.21 -0.31
N CYS B 135 0.65 6.31 -0.95
CA CYS B 135 -0.19 6.89 -1.97
C CYS B 135 0.54 6.78 -3.31
N LYS B 136 1.39 7.76 -3.60
CA LYS B 136 2.27 7.72 -4.74
C LYS B 136 3.68 7.63 -4.23
N THR B 137 4.38 6.57 -4.62
CA THR B 137 5.71 6.31 -4.08
C THR B 137 6.82 6.90 -4.94
N SER B 138 7.95 7.19 -4.32
CA SER B 138 9.07 7.90 -4.94
C SER B 138 9.79 7.11 -6.04
N ASN B 139 9.65 5.79 -6.01
CA ASN B 139 10.38 4.92 -6.94
C ASN B 139 9.86 5.09 -8.36
N LYS B 140 10.74 4.92 -9.35
CA LYS B 140 10.39 5.19 -10.74
C LYS B 140 9.29 4.26 -11.28
N GLY B 141 9.23 3.04 -10.75
CA GLY B 141 8.21 2.11 -11.16
C GLY B 141 6.96 2.21 -10.33
N SER B 142 6.70 3.38 -9.77
CA SER B 142 5.48 3.58 -9.02
C SER B 142 4.27 3.65 -9.95
N ASN B 143 4.46 4.30 -11.09
CA ASN B 143 3.40 4.50 -12.08
C ASN B 143 2.91 3.19 -12.70
N ASP B 144 3.70 2.12 -12.53
CA ASP B 144 3.38 0.79 -13.05
C ASP B 144 1.97 0.35 -12.62
N LEU B 145 1.62 0.63 -11.37
CA LEU B 145 0.31 0.26 -10.85
C LEU B 145 -0.49 1.47 -10.38
N GLN B 146 0.18 2.43 -9.75
CA GLN B 146 -0.48 3.59 -9.16
C GLN B 146 -1.11 4.54 -10.15
N CYS B 147 -0.55 4.61 -11.37
CA CYS B 147 -1.05 5.54 -12.36
C CYS B 147 -2.09 4.92 -13.31
N LEU B 148 -2.69 3.82 -12.89
CA LEU B 148 -3.79 3.19 -13.63
C LEU B 148 -5.03 4.03 -13.43
N ARG B 149 -5.85 4.12 -14.47
CA ARG B 149 -7.06 4.93 -14.42
C ARG B 149 -8.22 4.13 -13.84
N VAL B 150 -8.76 4.60 -12.73
CA VAL B 150 -10.01 4.06 -12.17
C VAL B 150 -11.22 4.90 -12.59
N GLY B 151 -11.25 5.31 -13.86
CA GLY B 151 -12.29 6.18 -14.40
C GLY B 151 -12.16 7.59 -13.84
N ASP B 152 -11.80 8.52 -14.72
CA ASP B 152 -11.66 9.94 -14.36
C ASP B 152 -10.37 10.28 -13.61
N ARG B 153 -9.93 9.42 -12.70
CA ARG B 153 -8.71 9.67 -11.95
C ARG B 153 -7.81 8.45 -11.86
N TYR B 154 -6.56 8.71 -11.42
CA TYR B 154 -5.57 7.67 -11.16
C TYR B 154 -5.89 6.89 -9.87
N LEU B 155 -5.19 5.77 -9.69
CA LEU B 155 -5.40 4.90 -8.54
C LEU B 155 -5.01 5.58 -7.23
N TYR B 156 -3.85 6.23 -7.20
CA TYR B 156 -3.40 6.91 -5.99
C TYR B 156 -4.39 7.99 -5.54
N GLU B 157 -5.08 8.60 -6.52
CA GLU B 157 -6.11 9.60 -6.24
C GLU B 157 -7.30 8.94 -5.54
N ALA B 158 -7.72 7.78 -6.05
CA ALA B 158 -8.77 6.98 -5.41
C ALA B 158 -8.37 6.66 -3.97
N VAL B 159 -7.09 6.39 -3.75
CA VAL B 159 -6.54 6.15 -2.43
C VAL B 159 -6.65 7.40 -1.57
N ALA B 160 -6.18 8.51 -2.14
CA ALA B 160 -6.20 9.80 -1.45
C ALA B 160 -7.60 10.17 -0.99
N GLU B 161 -8.58 10.00 -1.89
CA GLU B 161 -9.96 10.29 -1.57
C GLU B 161 -10.40 9.51 -0.34
N ARG B 162 -10.16 8.19 -0.38
CA ARG B 162 -10.53 7.30 0.72
C ARG B 162 -9.80 7.65 2.00
N ALA B 163 -8.55 8.09 1.87
CA ALA B 163 -7.72 8.41 3.03
C ALA B 163 -8.26 9.61 3.82
N GLU B 164 -8.85 10.57 3.11
CA GLU B 164 -9.46 11.75 3.75
C GLU B 164 -10.92 11.50 4.15
N GLY B 165 -11.62 10.70 3.36
CA GLY B 165 -13.02 10.42 3.65
C GLY B 165 -13.21 9.24 4.59
N PRO B 166 -13.56 8.07 4.03
CA PRO B 166 -13.99 6.87 4.75
C PRO B 166 -13.05 6.39 5.85
N TRP B 167 -11.77 6.74 5.73
CA TRP B 167 -10.75 6.19 6.63
C TRP B 167 -10.34 7.10 7.78
N ASN B 168 -10.38 8.42 7.54
CA ASN B 168 -9.94 9.40 8.53
C ASN B 168 -10.96 9.61 9.67
N VAL B 169 -11.32 8.52 10.34
CA VAL B 169 -12.40 8.53 11.33
C VAL B 169 -12.05 9.44 12.50
N ASN B 170 -10.80 9.38 12.93
CA ASN B 170 -10.36 10.17 14.08
C ASN B 170 -9.12 11.03 13.79
N GLY B 171 -8.95 11.38 12.52
CA GLY B 171 -7.86 12.28 12.10
C GLY B 171 -6.46 11.72 12.30
N ASN B 172 -6.26 10.46 11.89
CA ASN B 172 -5.00 9.75 12.10
C ASN B 172 -4.21 9.54 10.82
N VAL B 173 -4.90 9.63 9.70
CA VAL B 173 -4.34 9.17 8.45
C VAL B 173 -3.46 10.23 7.79
N GLY B 174 -2.24 9.83 7.45
CA GLY B 174 -1.38 10.61 6.59
C GLY B 174 -1.14 9.86 5.29
N LEU B 175 -0.48 10.51 4.34
CA LEU B 175 -0.17 9.89 3.04
C LEU B 175 1.29 9.97 2.64
N VAL B 176 1.79 8.91 2.03
CA VAL B 176 3.15 8.91 1.55
C VAL B 176 3.20 9.29 0.08
N VAL B 177 3.65 10.52 -0.19
CA VAL B 177 3.79 11.04 -1.54
C VAL B 177 5.23 11.40 -1.82
N GLY B 178 5.76 10.93 -2.95
CA GLY B 178 7.19 11.06 -3.27
C GLY B 178 7.59 12.37 -3.90
N ALA B 179 8.80 12.83 -3.55
CA ALA B 179 9.33 14.12 -3.99
C ALA B 179 9.80 14.17 -5.45
N THR B 180 10.16 13.01 -5.99
CA THR B 180 10.65 12.89 -7.38
C THR B 180 9.53 13.10 -8.41
N ASP B 181 8.29 13.07 -7.93
CA ASP B 181 7.14 13.31 -8.78
C ASP B 181 6.28 14.43 -8.19
N PRO B 182 6.64 15.69 -8.52
CA PRO B 182 5.93 16.91 -8.08
C PRO B 182 4.52 17.03 -8.64
N VAL B 183 4.30 16.53 -9.86
CA VAL B 183 2.99 16.56 -10.53
C VAL B 183 1.97 15.66 -9.84
N ALA B 184 2.40 14.46 -9.45
CA ALA B 184 1.55 13.56 -8.70
C ALA B 184 1.29 14.09 -7.30
N LEU B 185 2.29 14.79 -6.75
CA LEU B 185 2.22 15.38 -5.42
C LEU B 185 1.12 16.43 -5.34
N ALA B 186 1.00 17.20 -6.41
CA ALA B 186 0.04 18.30 -6.48
C ALA B 186 -1.37 17.75 -6.59
N ARG B 187 -1.50 16.62 -7.26
CA ARG B 187 -2.81 16.06 -7.50
C ARG B 187 -3.40 15.44 -6.22
N VAL B 188 -2.51 14.92 -5.38
CA VAL B 188 -2.92 14.30 -4.11
C VAL B 188 -3.36 15.38 -3.12
N ARG B 189 -2.71 16.55 -3.20
CA ARG B 189 -3.09 17.69 -2.37
C ARG B 189 -4.45 18.26 -2.81
N ALA B 190 -4.77 18.08 -4.09
CA ALA B 190 -6.07 18.50 -4.59
C ALA B 190 -7.15 17.50 -4.15
N ARG B 191 -6.74 16.27 -3.85
CA ARG B 191 -7.68 15.23 -3.42
C ARG B 191 -7.74 15.13 -1.90
N ALA B 192 -6.63 15.45 -1.26
CA ALA B 192 -6.55 15.48 0.18
C ALA B 192 -5.92 16.81 0.63
N PRO B 193 -6.72 17.89 0.63
CA PRO B 193 -6.18 19.23 0.91
C PRO B 193 -5.84 19.44 2.37
N THR B 194 -6.32 18.53 3.23
CA THR B 194 -6.21 18.72 4.67
C THR B 194 -5.11 17.87 5.30
N LEU B 195 -4.80 16.74 4.68
CA LEU B 195 -3.96 15.72 5.30
C LEU B 195 -2.45 16.04 5.34
N TRP B 196 -1.72 15.37 6.24
CA TRP B 196 -0.26 15.44 6.32
C TRP B 196 0.41 14.43 5.37
N PHE B 197 1.51 14.85 4.74
CA PHE B 197 2.21 14.07 3.72
C PHE B 197 3.63 13.72 4.18
N LEU B 198 3.96 12.43 4.23
CA LEU B 198 5.34 12.01 4.43
C LEU B 198 6.02 11.97 3.07
N VAL B 199 7.03 12.82 2.88
CA VAL B 199 7.62 13.05 1.57
C VAL B 199 9.11 12.73 1.54
N PRO B 200 9.47 11.55 1.05
CA PRO B 200 10.87 11.19 0.85
C PRO B 200 11.34 11.40 -0.60
N GLY B 201 12.66 11.28 -0.82
CA GLY B 201 13.24 11.38 -2.16
C GLY B 201 14.30 12.45 -2.35
N ILE B 202 14.43 13.35 -1.37
CA ILE B 202 15.41 14.45 -1.45
C ILE B 202 16.82 14.02 -1.05
N GLY B 203 17.77 14.25 -1.96
CA GLY B 203 19.15 13.86 -1.72
C GLY B 203 19.59 12.73 -2.62
N ALA B 204 19.48 11.49 -2.13
CA ALA B 204 19.99 10.35 -2.87
C ALA B 204 19.14 10.02 -4.09
N GLN B 205 17.83 10.24 -4.00
CA GLN B 205 16.89 9.78 -5.01
C GLN B 205 16.70 10.78 -6.16
N GLY B 206 16.47 12.04 -5.83
CA GLY B 206 16.24 13.04 -6.86
C GLY B 206 16.42 14.44 -6.33
N GLY B 207 15.30 15.11 -6.09
CA GLY B 207 15.35 16.47 -5.60
C GLY B 207 14.04 17.18 -5.84
N SER B 208 14.12 18.35 -6.48
CA SER B 208 12.98 19.28 -6.63
C SER B 208 12.47 19.77 -5.26
N LEU B 209 13.42 20.24 -4.43
CA LEU B 209 13.12 20.67 -3.07
C LEU B 209 12.05 21.74 -3.05
N LYS B 210 12.13 22.65 -4.00
CA LYS B 210 11.14 23.72 -4.16
C LYS B 210 9.87 23.20 -4.83
N ALA B 211 10.03 22.60 -6.01
CA ALA B 211 8.90 22.10 -6.81
C ALA B 211 7.98 21.20 -5.98
N SER B 212 8.58 20.35 -5.13
CA SER B 212 7.83 19.54 -4.18
C SER B 212 6.96 20.40 -3.26
N LEU B 213 7.57 21.43 -2.68
CA LEU B 213 6.91 22.25 -1.69
C LEU B 213 5.77 23.09 -2.26
N ASP B 214 5.99 23.61 -3.47
CA ASP B 214 4.98 24.41 -4.16
C ASP B 214 3.77 23.54 -4.50
N ALA B 215 4.00 22.23 -4.55
CA ALA B 215 2.96 21.29 -4.94
C ALA B 215 2.07 20.82 -3.80
N GLY B 216 2.68 20.39 -2.69
CA GLY B 216 1.91 19.70 -1.65
C GLY B 216 1.70 20.37 -0.31
N LEU B 217 2.13 21.62 -0.18
CA LEU B 217 1.89 22.37 1.07
C LEU B 217 0.44 22.83 1.18
N ARG B 218 -0.08 22.79 2.40
CA ARG B 218 -1.46 23.23 2.64
C ARG B 218 -1.55 24.75 2.67
N ALA B 219 -2.76 25.24 2.91
CA ALA B 219 -3.00 26.66 3.03
C ALA B 219 -2.23 27.26 4.22
N ASP B 220 -2.06 26.46 5.28
CA ASP B 220 -1.33 26.90 6.47
C ASP B 220 0.20 26.99 6.27
N GLY B 221 0.69 26.56 5.10
CA GLY B 221 2.14 26.49 4.84
C GLY B 221 2.81 25.41 5.67
N SER B 222 2.06 24.32 5.89
CA SER B 222 2.50 23.15 6.67
C SER B 222 1.75 21.89 6.19
N GLY B 223 2.27 20.72 6.58
CA GLY B 223 1.66 19.45 6.16
C GLY B 223 2.51 18.62 5.22
N MET B 224 3.84 18.74 5.34
CA MET B 224 4.79 17.96 4.55
C MET B 224 6.05 17.63 5.35
N LEU B 225 6.22 16.36 5.70
CA LEU B 225 7.45 15.95 6.32
C LEU B 225 8.46 15.57 5.26
N ILE B 226 9.38 16.48 4.96
CA ILE B 226 10.42 16.21 3.98
C ILE B 226 11.48 15.32 4.62
N ASN B 227 11.61 14.10 4.11
CA ASN B 227 12.51 13.11 4.67
C ASN B 227 13.76 12.94 3.82
N VAL B 228 14.91 13.07 4.49
CA VAL B 228 16.21 12.79 3.90
C VAL B 228 16.90 11.78 4.82
N SER B 229 17.35 10.68 4.24
CA SER B 229 17.95 9.61 5.03
C SER B 229 19.43 9.49 4.71
N ARG B 230 19.74 8.80 3.60
CA ARG B 230 21.12 8.57 3.18
C ARG B 230 21.89 9.88 2.95
N GLY B 231 21.18 10.91 2.51
CA GLY B 231 21.82 12.21 2.22
C GLY B 231 22.51 12.85 3.41
N LEU B 232 21.96 12.62 4.61
CA LEU B 232 22.52 13.19 5.84
C LEU B 232 23.55 12.25 6.48
N ALA B 233 23.36 10.95 6.30
CA ALA B 233 24.27 9.94 6.86
C ALA B 233 25.60 9.87 6.11
N ARG B 234 25.59 10.28 4.85
CA ARG B 234 26.80 10.34 4.04
C ARG B 234 27.42 11.74 4.07
N ALA B 235 26.67 12.71 4.59
CA ALA B 235 27.13 14.09 4.70
C ALA B 235 28.33 14.22 5.63
N ALA B 236 29.12 15.27 5.43
CA ALA B 236 30.29 15.54 6.26
C ALA B 236 29.89 16.16 7.63
N ASP B 237 29.16 17.27 7.61
CA ASP B 237 28.69 17.91 8.84
C ASP B 237 27.16 17.87 8.94
N PRO B 238 26.62 16.77 9.50
CA PRO B 238 25.17 16.55 9.61
C PRO B 238 24.40 17.71 10.24
N ARG B 239 24.97 18.34 11.28
CA ARG B 239 24.31 19.45 11.98
C ARG B 239 24.11 20.64 11.05
N ALA B 240 25.13 20.93 10.25
CA ALA B 240 25.12 22.01 9.26
C ALA B 240 24.19 21.66 8.10
N ALA B 241 24.25 20.40 7.65
CA ALA B 241 23.39 19.90 6.58
C ALA B 241 21.93 19.96 7.01
N ALA B 242 21.66 19.53 8.24
CA ALA B 242 20.31 19.55 8.80
C ALA B 242 19.75 20.99 8.88
N LYS B 243 20.57 21.89 9.42
CA LYS B 243 20.21 23.31 9.52
C LYS B 243 19.93 23.93 8.14
N GLU B 244 20.79 23.58 7.18
CA GLU B 244 20.70 24.09 5.81
C GLU B 244 19.37 23.71 5.14
N LEU B 245 18.96 22.46 5.35
CA LEU B 245 17.70 21.97 4.82
C LEU B 245 16.52 22.62 5.54
N CYS B 246 16.58 22.64 6.88
CA CYS B 246 15.53 23.22 7.71
C CYS B 246 15.24 24.66 7.28
N GLU B 247 16.32 25.43 7.11
CA GLU B 247 16.23 26.82 6.67
C GLU B 247 15.74 26.93 5.22
N GLU B 248 16.31 26.12 4.32
CA GLU B 248 15.94 26.12 2.90
C GLU B 248 14.44 25.83 2.71
N ILE B 249 13.91 24.95 3.56
CA ILE B 249 12.47 24.65 3.61
C ILE B 249 11.67 25.85 4.16
N ASN B 250 12.10 26.37 5.31
CA ASN B 250 11.40 27.49 5.94
C ASN B 250 11.40 28.79 5.14
N ALA B 251 12.44 28.98 4.33
CA ALA B 251 12.58 30.12 3.42
C ALA B 251 11.62 30.04 2.23
N ILE B 252 11.22 28.82 1.87
CA ILE B 252 10.25 28.63 0.78
C ILE B 252 8.83 28.79 1.31
N ARG B 253 8.51 28.09 2.41
CA ARG B 253 7.24 28.30 3.10
C ARG B 253 7.19 29.72 3.69
N PHE B 254 6.00 30.13 4.17
CA PHE B 254 5.77 31.48 4.70
C PHE B 254 5.89 32.56 3.61
N LYS B 256 5.61 34.94 5.71
CA LYS B 256 6.31 36.11 6.25
C LYS B 256 5.57 37.44 6.02
N GLY B 257 5.11 37.75 4.80
CA GLY B 257 5.26 36.91 3.60
C GLY B 257 6.38 37.41 2.73
N ALA B 258 6.15 38.56 2.09
CA ALA B 258 7.18 39.24 1.29
C ALA B 258 8.25 39.89 2.19
N SER B 259 7.79 40.69 3.16
CA SER B 259 8.65 41.38 4.14
C SER B 259 9.57 42.45 3.55
N VAL B 260 9.90 42.35 2.26
CA VAL B 260 10.82 43.28 1.59
C VAL B 260 10.29 44.72 1.49
N GLU B 261 9.01 44.88 1.15
CA GLU B 261 8.39 46.21 1.11
C GLU B 261 8.13 46.83 2.49
N LEU B 262 7.91 45.99 3.49
CA LEU B 262 7.77 46.42 4.87
C LEU B 262 9.07 47.03 5.38
N ALA B 263 10.18 46.35 5.08
CA ALA B 263 11.51 46.83 5.47
C ALA B 263 11.75 48.28 5.04
N LYS B 264 11.50 48.54 3.76
CA LYS B 264 11.56 49.88 3.17
C LYS B 264 10.69 50.87 3.91
N ALA B 265 9.43 50.49 4.16
CA ALA B 265 8.47 51.36 4.81
C ALA B 265 8.97 51.85 6.16
N LEU B 266 9.55 50.95 6.95
CA LEU B 266 10.12 51.33 8.25
C LEU B 266 11.26 52.32 8.14
N VAL B 267 11.99 52.25 7.04
CA VAL B 267 13.12 53.15 6.80
C VAL B 267 12.66 54.48 6.20
N ASP B 268 11.65 54.42 5.34
CA ASP B 268 11.08 55.61 4.73
C ASP B 268 10.27 56.42 5.74
N SER B 269 9.93 55.78 6.86
CA SER B 269 9.20 56.43 7.94
C SER B 269 10.12 56.89 9.08
N HIS B 270 11.42 56.69 8.92
CA HIS B 270 12.40 57.08 9.92
C HIS B 270 12.14 56.44 11.28
N CYS B 271 11.56 55.24 11.25
CA CYS B 271 11.24 54.50 12.45
C CYS B 271 12.48 53.86 13.05
N VAL B 272 13.39 53.41 12.20
CA VAL B 272 14.60 52.75 12.67
C VAL B 272 15.67 53.78 12.99
N ARG B 273 16.09 53.80 14.24
CA ARG B 273 17.10 54.76 14.68
C ARG B 273 18.19 54.04 15.45
N PHE B 274 19.40 54.60 15.44
CA PHE B 274 20.58 53.96 16.05
C PHE B 274 21.28 54.86 17.06
N GLY B 275 21.98 54.24 18.02
CA GLY B 275 22.72 54.96 19.06
C GLY B 275 23.09 54.13 20.28
N ASN B 276 22.89 54.70 21.47
CA ASN B 276 23.18 54.00 22.73
C ASN B 276 21.93 53.89 23.64
N PHE B 277 20.75 53.93 23.02
CA PHE B 277 19.45 53.96 23.72
C PHE B 277 19.39 53.10 24.98
N THR B 278 18.73 53.61 26.02
CA THR B 278 18.44 52.81 27.22
C THR B 278 16.95 52.50 27.33
N LEU B 279 16.62 51.21 27.30
CA LEU B 279 15.23 50.75 27.40
C LEU B 279 14.79 50.63 28.85
N LYS B 280 13.51 50.31 29.05
CA LYS B 280 12.92 50.11 30.39
C LYS B 280 13.57 48.97 31.15
N SER B 281 14.89 48.83 31.05
CA SER B 281 15.60 47.70 31.64
C SER B 281 17.02 48.04 32.15
N GLY B 282 17.44 49.30 31.88
CA GLY B 282 18.81 49.73 32.22
C GLY B 282 19.85 49.30 31.20
N LYS B 283 19.68 48.07 30.67
CA LYS B 283 20.48 47.56 29.55
C LYS B 283 20.27 48.38 28.25
N SER B 284 21.39 48.71 27.60
CA SER B 284 21.39 49.58 26.41
C SER B 284 21.35 48.79 25.11
N SER B 285 20.51 49.24 24.17
CA SER B 285 20.43 48.65 22.83
C SER B 285 20.98 49.63 21.80
N PRO B 286 21.69 49.12 20.79
CA PRO B 286 22.24 49.97 19.74
C PRO B 286 21.16 50.46 18.75
N ILE B 287 20.03 49.78 18.73
CA ILE B 287 18.94 50.07 17.80
C ILE B 287 17.63 50.34 18.55
N TYR B 288 16.90 51.37 18.12
CA TYR B 288 15.58 51.67 18.65
C TYR B 288 14.62 51.87 17.50
N ILE B 289 13.47 51.21 17.58
CA ILE B 289 12.46 51.32 16.55
C ILE B 289 11.23 52.07 17.08
N ASP B 290 11.00 53.25 16.52
CA ASP B 290 9.95 54.14 16.98
C ASP B 290 8.81 54.18 16.00
N LEU B 291 7.80 53.36 16.23
CA LEU B 291 6.70 53.25 15.30
C LEU B 291 5.63 54.31 15.55
N ARG B 292 5.96 55.27 16.42
CA ARG B 292 5.10 56.43 16.69
C ARG B 292 5.14 57.41 15.53
N ARG B 293 6.22 57.33 14.75
CA ARG B 293 6.41 58.18 13.57
C ARG B 293 5.47 57.79 12.45
N LEU B 294 4.95 56.58 12.50
CA LEU B 294 4.07 56.03 11.46
C LEU B 294 2.86 56.92 11.24
N VAL B 295 2.56 57.70 12.27
CA VAL B 295 1.42 58.58 12.30
C VAL B 295 1.54 59.68 11.27
N THR B 296 2.77 60.04 10.94
CA THR B 296 2.97 61.06 9.95
C THR B 296 2.99 60.53 8.51
N TYR B 297 2.80 59.23 8.33
CA TYR B 297 2.74 58.61 7.00
C TYR B 297 1.54 57.69 6.87
N PRO B 298 0.35 58.24 6.54
CA PRO B 298 -0.87 57.46 6.47
C PRO B 298 -0.80 56.32 5.47
N ALA B 299 -0.08 56.52 4.39
CA ALA B 299 0.06 55.50 3.36
C ALA B 299 0.83 54.27 3.85
N ILE B 300 1.98 54.51 4.50
CA ILE B 300 2.76 53.44 5.13
C ILE B 300 1.95 52.76 6.24
N MET B 301 1.21 53.56 7.00
CA MET B 301 0.36 53.06 8.07
C MET B 301 -0.69 52.10 7.53
N ARG B 302 -1.23 52.38 6.34
CA ARG B 302 -2.15 51.46 5.68
C ARG B 302 -1.48 50.18 5.24
N LEU B 303 -0.18 50.27 4.94
CA LEU B 303 0.59 49.10 4.60
C LEU B 303 0.84 48.27 5.85
N VAL B 304 1.19 48.95 6.92
CA VAL B 304 1.49 48.29 8.17
C VAL B 304 0.26 47.53 8.62
N ALA B 305 -0.89 48.19 8.59
CA ALA B 305 -2.18 47.60 8.95
C ALA B 305 -2.50 46.39 8.09
N ARG B 306 -2.03 46.42 6.85
CA ARG B 306 -2.30 45.37 5.88
C ARG B 306 -1.54 44.10 6.22
N GLU B 307 -0.34 44.29 6.78
CA GLU B 307 0.53 43.20 7.24
C GLU B 307 -0.03 42.49 8.46
N TYR B 308 -0.46 43.28 9.44
CA TYR B 308 -1.17 42.79 10.63
C TYR B 308 -2.37 41.92 10.29
N ALA B 309 -3.10 42.28 9.24
CA ALA B 309 -4.29 41.55 8.82
C ALA B 309 -3.99 40.11 8.42
N LYS B 310 -2.85 39.91 7.77
CA LYS B 310 -2.42 38.56 7.37
C LYS B 310 -2.29 37.65 8.57
N VAL B 311 -1.76 38.19 9.66
CA VAL B 311 -1.62 37.46 10.90
C VAL B 311 -2.98 37.27 11.55
N LEU B 312 -3.77 38.34 11.57
CA LEU B 312 -5.03 38.34 12.31
C LEU B 312 -6.14 37.57 11.59
N ARG B 313 -5.87 37.12 10.37
CA ARG B 313 -6.83 36.34 9.60
C ARG B 313 -6.90 34.89 10.10
N HIS B 314 -5.97 34.52 10.97
CA HIS B 314 -5.87 33.15 11.50
C HIS B 314 -6.43 32.98 12.89
N TYR B 315 -6.92 34.06 13.50
CA TYR B 315 -7.50 33.98 14.82
C TYR B 315 -9.00 34.31 14.80
N LYS B 316 -9.75 33.66 15.68
CA LYS B 316 -11.18 33.97 15.85
C LYS B 316 -11.37 34.92 17.02
N PHE B 317 -11.89 36.11 16.74
CA PHE B 317 -12.04 37.16 17.77
C PHE B 317 -13.16 38.15 17.47
N ASP B 318 -13.57 38.88 18.52
CA ASP B 318 -14.65 39.85 18.43
C ASP B 318 -14.14 41.26 18.31
N ARG B 319 -13.19 41.63 19.17
CA ARG B 319 -12.69 43.01 19.24
C ARG B 319 -11.16 43.14 19.23
N ILE B 320 -10.68 44.33 18.95
CA ILE B 320 -9.26 44.60 18.92
C ILE B 320 -8.90 45.56 20.07
N ALA B 321 -7.85 45.24 20.81
CA ALA B 321 -7.43 46.09 21.91
C ALA B 321 -6.07 46.70 21.66
N GLY B 322 -6.07 47.92 21.13
CA GLY B 322 -4.84 48.64 20.85
C GLY B 322 -4.38 49.38 22.06
N LEU B 323 -3.08 49.32 22.33
CA LEU B 323 -2.51 49.89 23.54
C LEU B 323 -1.85 51.23 23.26
N PRO B 324 -2.46 52.33 23.73
CA PRO B 324 -1.93 53.68 23.54
C PRO B 324 -0.55 53.86 24.16
N TYR B 325 0.29 54.75 23.63
CA TYR B 325 -0.06 55.62 22.51
C TYR B 325 0.24 54.98 21.18
N ALA B 326 1.50 54.58 20.99
CA ALA B 326 1.99 54.05 19.71
C ALA B 326 1.01 53.14 18.96
N ALA B 327 0.42 52.19 19.67
CA ALA B 327 -0.38 51.13 19.06
C ALA B 327 -1.80 51.56 18.68
N LEU B 328 -2.30 52.61 19.33
CA LEU B 328 -3.67 53.05 19.12
C LEU B 328 -4.00 53.53 17.69
N PRO B 329 -3.14 54.40 17.10
CA PRO B 329 -3.27 54.69 15.67
C PRO B 329 -3.12 53.47 14.76
N ILE B 330 -2.17 52.60 15.07
CA ILE B 330 -1.98 51.37 14.31
C ILE B 330 -3.23 50.53 14.39
N ALA B 331 -3.74 50.38 15.63
CA ALA B 331 -4.96 49.62 15.90
C ALA B 331 -6.17 50.21 15.22
N SER B 332 -6.25 51.54 15.20
CA SER B 332 -7.27 52.26 14.42
C SER B 332 -7.22 51.91 12.93
N ALA B 333 -6.02 51.96 12.37
CA ALA B 333 -5.80 51.62 10.97
C ALA B 333 -6.22 50.18 10.68
N ILE B 334 -5.83 49.26 11.55
CA ILE B 334 -6.16 47.85 11.37
C ILE B 334 -7.67 47.73 11.42
N SER B 335 -8.28 48.33 12.45
CA SER B 335 -9.71 48.31 12.64
C SER B 335 -10.43 48.69 11.36
N ASN B 336 -9.90 49.69 10.67
CA ASN B 336 -10.44 50.12 9.39
C ASN B 336 -10.34 49.10 8.25
N GLU B 337 -9.20 48.41 8.16
CA GLU B 337 -9.01 47.41 7.12
C GLU B 337 -9.95 46.22 7.26
N MET B 338 -10.27 45.88 8.50
CA MET B 338 -10.97 44.65 8.81
C MET B 338 -12.45 44.84 9.07
N ASN B 339 -12.81 46.02 9.58
CA ASN B 339 -14.15 46.31 10.08
C ASN B 339 -14.46 45.56 11.37
N VAL B 340 -13.50 45.58 12.29
CA VAL B 340 -13.66 45.01 13.64
C VAL B 340 -13.62 46.09 14.73
N PRO B 341 -14.57 46.06 15.68
CA PRO B 341 -14.64 47.04 16.74
C PRO B 341 -13.32 47.22 17.48
N LEU B 342 -12.97 48.45 17.80
CA LEU B 342 -11.77 48.71 18.59
C LEU B 342 -12.09 48.94 20.07
N ILE B 343 -11.10 48.65 20.90
CA ILE B 343 -11.15 48.78 22.34
C ILE B 343 -9.78 49.30 22.76
N TYR B 344 -9.72 50.18 23.75
CA TYR B 344 -8.42 50.60 24.27
C TYR B 344 -8.37 50.94 25.76
N PRO B 345 -7.35 50.43 26.46
CA PRO B 345 -7.13 50.74 27.86
C PRO B 345 -6.58 52.15 28.03
N ARG B 346 -7.32 52.96 28.78
CA ARG B 346 -6.86 54.29 29.12
C ARG B 346 -5.56 54.15 29.91
N ARG B 347 -4.50 54.78 29.42
CA ARG B 347 -3.17 54.73 30.02
C ARG B 347 -3.12 55.38 31.43
N GLU B 348 -3.39 54.56 32.45
CA GLU B 348 -3.46 55.00 33.83
C GLU B 348 -3.44 53.76 34.74
N ALA B 349 -3.96 53.88 35.95
CA ALA B 349 -4.00 52.75 36.87
C ALA B 349 -5.42 52.39 37.30
N LYS B 355 -14.89 53.25 36.54
CA LYS B 355 -14.62 51.91 37.10
C LYS B 355 -14.25 50.87 36.00
N ALA B 356 -13.68 51.39 34.91
CA ALA B 356 -13.22 50.54 33.80
C ALA B 356 -11.79 50.87 33.36
N ALA B 357 -11.54 52.17 33.15
CA ALA B 357 -10.30 52.68 32.54
C ALA B 357 -10.07 52.06 31.15
N ILE B 358 -11.18 51.73 30.47
CA ILE B 358 -11.16 51.08 29.16
C ILE B 358 -12.20 51.73 28.23
N GLU B 359 -11.73 52.30 27.13
CA GLU B 359 -12.62 53.01 26.20
C GLU B 359 -13.06 52.09 25.08
N GLY B 360 -14.22 52.37 24.53
CA GLY B 360 -14.78 51.53 23.48
C GLY B 360 -16.11 50.95 23.90
N GLU B 361 -16.36 49.70 23.56
CA GLU B 361 -17.58 49.05 23.98
C GLU B 361 -17.31 47.56 23.98
N TYR B 362 -17.37 46.97 25.17
CA TYR B 362 -17.12 45.55 25.31
C TYR B 362 -18.28 44.92 26.08
N LYS B 363 -18.52 43.63 25.82
CA LYS B 363 -19.45 42.85 26.62
C LYS B 363 -18.65 42.15 27.71
N LYS B 364 -19.09 40.97 28.10
CA LYS B 364 -18.38 40.20 29.11
C LYS B 364 -17.98 38.87 28.49
N GLY B 365 -16.67 38.68 28.30
CA GLY B 365 -16.18 37.41 27.82
C GLY B 365 -16.14 37.29 26.30
N ASP B 366 -16.23 38.44 25.64
CA ASP B 366 -15.95 38.51 24.20
C ASP B 366 -14.44 38.49 23.96
N ARG B 367 -14.07 37.92 22.83
CA ARG B 367 -12.68 37.58 22.52
C ARG B 367 -11.93 38.74 21.87
N VAL B 368 -10.86 39.18 22.52
CA VAL B 368 -10.06 40.27 21.98
C VAL B 368 -8.64 39.85 21.64
N VAL B 369 -8.05 40.57 20.70
CA VAL B 369 -6.65 40.42 20.36
C VAL B 369 -5.93 41.73 20.70
N ILE B 370 -4.88 41.62 21.50
CA ILE B 370 -4.10 42.78 21.89
C ILE B 370 -3.14 43.13 20.78
N ILE B 371 -3.22 44.38 20.32
CA ILE B 371 -2.34 44.88 19.29
C ILE B 371 -1.35 45.85 19.92
N ASP B 372 -0.06 45.59 19.72
CA ASP B 372 0.99 46.51 20.16
C ASP B 372 1.99 46.71 19.03
N ASP B 373 2.84 47.71 19.16
CA ASP B 373 3.75 48.08 18.07
C ASP B 373 4.89 47.07 17.92
N LEU B 374 5.72 46.97 18.94
CA LEU B 374 6.75 45.96 18.99
C LEU B 374 6.86 45.34 20.38
N VAL B 375 7.53 44.21 20.46
CA VAL B 375 7.82 43.58 21.73
C VAL B 375 9.32 43.37 21.83
N SER B 376 9.89 43.75 22.97
CA SER B 376 11.27 43.37 23.27
C SER B 376 11.24 42.18 24.24
N THR B 377 10.85 42.41 25.48
CA THR B 377 10.80 41.39 26.53
C THR B 377 9.39 40.86 26.78
N GLY B 378 8.49 41.75 27.20
CA GLY B 378 7.11 41.39 27.48
C GLY B 378 6.53 42.03 28.73
N GLU B 379 7.34 42.81 29.43
CA GLU B 379 6.89 43.52 30.65
C GLU B 379 5.63 44.37 30.45
N THR B 380 5.59 45.10 29.34
CA THR B 380 4.41 45.89 28.98
C THR B 380 3.20 44.99 28.64
N LYS B 381 3.44 43.93 27.85
CA LYS B 381 2.37 43.02 27.43
C LYS B 381 1.64 42.35 28.61
N VAL B 382 2.24 42.41 29.81
CA VAL B 382 1.63 41.79 31.01
C VAL B 382 0.70 42.77 31.73
N GLU B 383 1.14 44.02 31.83
CA GLU B 383 0.34 45.11 32.40
C GLU B 383 -1.04 45.14 31.74
N ALA B 384 -1.03 44.96 30.42
CA ALA B 384 -2.22 45.03 29.58
C ALA B 384 -3.12 43.80 29.73
N ILE B 385 -2.53 42.61 29.64
CA ILE B 385 -3.28 41.36 29.82
C ILE B 385 -3.97 41.31 31.19
N GLU B 386 -3.33 41.90 32.20
CA GLU B 386 -3.89 41.93 33.56
C GLU B 386 -4.98 42.98 33.69
N LYS B 387 -4.84 44.09 32.97
CA LYS B 387 -5.86 45.14 32.99
C LYS B 387 -7.10 44.74 32.20
N LEU B 388 -6.93 43.81 31.24
CA LEU B 388 -8.00 43.45 30.32
C LEU B 388 -8.77 42.24 30.80
N ARG B 389 -8.06 41.27 31.36
CA ARG B 389 -8.70 40.09 31.94
C ARG B 389 -9.40 40.53 33.23
N SER B 390 -8.90 41.62 33.82
CA SER B 390 -9.54 42.28 34.93
C SER B 390 -11.01 42.60 34.58
N ALA B 391 -11.20 43.38 33.52
CA ALA B 391 -12.54 43.84 33.13
C ALA B 391 -13.43 42.78 32.48
N GLY B 392 -12.94 41.55 32.37
CA GLY B 392 -13.77 40.42 31.94
C GLY B 392 -13.65 40.02 30.48
N LEU B 393 -12.43 40.12 29.95
CA LEU B 393 -12.17 39.85 28.55
C LEU B 393 -11.23 38.67 28.34
N GLU B 394 -11.55 37.82 27.36
CA GLU B 394 -10.72 36.69 27.01
C GLU B 394 -9.70 37.11 25.94
N VAL B 395 -8.45 37.25 26.38
CA VAL B 395 -7.33 37.59 25.50
C VAL B 395 -7.00 36.40 24.62
N VAL B 396 -7.20 36.55 23.32
CA VAL B 396 -6.91 35.48 22.36
C VAL B 396 -5.40 35.35 22.18
N SER B 397 -4.77 36.44 21.76
CA SER B 397 -3.33 36.48 21.56
C SER B 397 -2.86 37.90 21.57
N ILE B 398 -1.55 38.11 21.45
CA ILE B 398 -1.04 39.42 21.15
C ILE B 398 -0.30 39.40 19.82
N VAL B 399 -0.59 40.39 18.98
CA VAL B 399 0.00 40.52 17.66
C VAL B 399 0.83 41.80 17.60
N VAL B 400 1.97 41.72 16.96
CA VAL B 400 2.94 42.79 16.98
C VAL B 400 3.57 42.91 15.59
N LEU B 401 4.03 44.10 15.23
CA LEU B 401 4.68 44.29 13.95
C LEU B 401 6.06 43.69 13.99
N VAL B 402 6.87 44.17 14.93
CA VAL B 402 8.25 43.76 15.06
C VAL B 402 8.50 43.04 16.37
N ASP B 403 9.01 41.81 16.27
CA ASP B 403 9.56 41.09 17.41
C ASP B 403 11.06 41.34 17.50
N ARG B 404 11.48 42.06 18.54
CA ARG B 404 12.87 42.46 18.73
C ARG B 404 13.85 41.31 18.98
N ASP B 405 13.30 40.11 19.19
CA ASP B 405 14.10 38.89 19.38
C ASP B 405 14.91 38.92 20.68
N MET B 406 14.23 39.26 21.77
CA MET B 406 14.81 39.18 23.11
C MET B 406 14.08 38.15 23.97
N GLY B 407 13.59 37.09 23.32
CA GLY B 407 12.91 35.98 23.99
C GLY B 407 11.51 36.29 24.49
N ALA B 408 10.79 37.11 23.73
CA ALA B 408 9.46 37.58 24.11
C ALA B 408 8.39 36.50 23.96
N LYS B 409 8.53 35.67 22.94
CA LYS B 409 7.56 34.60 22.69
C LYS B 409 7.49 33.63 23.86
N ALA B 410 8.65 33.11 24.25
CA ALA B 410 8.74 32.07 25.29
C ALA B 410 8.29 32.58 26.65
N PHE B 411 8.60 33.83 26.97
CA PHE B 411 8.15 34.42 28.22
C PHE B 411 6.64 34.40 28.31
N LEU B 412 5.99 34.91 27.26
CA LEU B 412 4.54 35.04 27.23
C LEU B 412 3.84 33.68 27.17
N ASN B 413 4.40 32.75 26.41
CA ASN B 413 3.84 31.40 26.36
C ASN B 413 3.76 30.75 27.73
N LYS B 414 4.87 30.80 28.47
CA LYS B 414 4.96 30.24 29.81
C LYS B 414 4.13 31.07 30.79
N LEU B 415 3.72 32.27 30.36
CA LEU B 415 2.80 33.09 31.15
C LEU B 415 1.35 32.66 30.92
N GLY B 416 1.10 31.98 29.77
CA GLY B 416 -0.24 31.47 29.45
C GLY B 416 -0.83 31.91 28.12
N TYR B 417 -0.93 33.22 27.90
CA TYR B 417 -1.44 33.74 26.63
C TYR B 417 -0.38 33.61 25.53
N ASP B 418 -0.76 33.14 24.36
CA ASP B 418 0.21 33.02 23.26
C ASP B 418 0.35 34.33 22.47
N PHE B 419 1.24 34.33 21.47
CA PHE B 419 1.70 35.57 20.84
C PHE B 419 2.18 35.28 19.42
N GLU B 420 2.12 36.29 18.55
CA GLU B 420 2.63 36.19 17.17
C GLU B 420 3.08 37.56 16.67
N ALA B 421 4.17 37.58 15.92
CA ALA B 421 4.71 38.82 15.36
C ALA B 421 4.83 38.73 13.85
N VAL B 422 4.60 39.86 13.18
CA VAL B 422 4.62 39.92 11.73
C VAL B 422 6.03 39.65 11.21
N VAL B 423 7.01 40.30 11.82
CA VAL B 423 8.39 40.13 11.41
C VAL B 423 9.31 40.15 12.63
N GLY B 424 10.46 39.49 12.52
CA GLY B 424 11.50 39.54 13.56
C GLY B 424 12.63 40.48 13.19
N LEU B 425 13.34 40.97 14.19
CA LEU B 425 14.45 41.90 13.96
C LEU B 425 15.55 41.27 13.15
N HIS B 426 15.81 39.99 13.43
CA HIS B 426 16.81 39.22 12.72
C HIS B 426 16.45 39.12 11.24
N GLN B 427 15.16 39.07 10.94
CA GLN B 427 14.70 38.97 9.55
C GLN B 427 14.88 40.26 8.78
N LEU B 428 14.71 41.40 9.45
CA LEU B 428 14.79 42.72 8.81
C LEU B 428 16.21 43.15 8.48
N LEU B 429 17.17 42.65 9.25
CA LEU B 429 18.57 43.06 9.12
C LEU B 429 19.16 42.85 7.73
N PRO B 430 19.05 41.61 7.17
CA PRO B 430 19.64 41.36 5.86
C PRO B 430 19.06 42.26 4.76
N LEU B 431 17.76 42.54 4.85
CA LEU B 431 17.05 43.37 3.89
C LEU B 431 17.54 44.81 3.88
N TRP B 432 17.73 45.38 5.07
CA TRP B 432 18.18 46.76 5.23
C TRP B 432 19.58 46.98 4.71
N ARG B 433 20.45 46.01 4.95
CA ARG B 433 21.81 46.03 4.42
C ARG B 433 21.81 46.01 2.89
N LYS B 434 21.04 45.07 2.31
CA LYS B 434 20.84 44.98 0.87
C LYS B 434 20.35 46.30 0.30
N SER B 435 19.36 46.90 0.97
CA SER B 435 18.80 48.18 0.56
C SER B 435 19.70 49.39 0.88
N ASN B 436 20.91 49.11 1.40
CA ASN B 436 21.86 50.15 1.85
C ASN B 436 21.38 51.06 2.97
N ALA B 437 20.30 50.66 3.64
CA ALA B 437 19.68 51.47 4.70
C ALA B 437 20.46 51.38 6.01
N ILE B 438 21.19 50.28 6.15
CA ILE B 438 21.95 50.00 7.36
C ILE B 438 23.42 49.80 6.98
N THR B 439 24.32 50.38 7.78
CA THR B 439 25.75 50.20 7.54
C THR B 439 26.25 48.85 8.04
N SER B 440 27.38 48.42 7.49
CA SER B 440 27.96 47.14 7.84
C SER B 440 28.20 47.06 9.35
N GLN B 441 28.64 48.16 9.94
CA GLN B 441 28.92 48.25 11.38
C GLN B 441 27.63 48.22 12.17
N GLN B 442 26.59 48.86 11.63
CA GLN B 442 25.27 48.84 12.26
C GLN B 442 24.69 47.45 12.29
N GLU B 443 24.84 46.70 11.20
CA GLU B 443 24.32 45.35 11.16
C GLU B 443 25.00 44.46 12.20
N ALA B 444 26.33 44.40 12.16
CA ALA B 444 27.11 43.53 13.04
C ALA B 444 26.96 43.90 14.53
N ASP B 445 26.76 45.19 14.82
CA ASP B 445 26.46 45.65 16.17
C ASP B 445 25.16 45.04 16.66
N VAL B 446 24.11 45.11 15.83
CA VAL B 446 22.80 44.60 16.18
C VAL B 446 22.88 43.08 16.30
N ARG B 447 23.44 42.41 15.29
CA ARG B 447 23.63 40.95 15.30
C ARG B 447 24.30 40.48 16.59
N ALA B 448 25.38 41.17 16.97
CA ALA B 448 26.10 40.90 18.21
C ALA B 448 25.25 41.09 19.46
N PHE B 449 24.46 42.16 19.48
CA PHE B 449 23.52 42.43 20.56
C PHE B 449 22.48 41.32 20.78
N LEU B 450 22.07 40.64 19.72
CA LEU B 450 21.01 39.60 19.80
C LEU B 450 21.54 38.22 20.23
N GLY B 451 22.86 38.07 20.27
CA GLY B 451 23.48 36.81 20.70
C GLY B 451 23.37 36.60 22.19
N GLN B 452 23.33 37.71 22.93
CA GLN B 452 23.09 37.69 24.38
C GLN B 452 21.83 36.88 24.71
N TRP B 453 20.85 36.91 23.79
CA TRP B 453 19.58 36.23 23.97
C TRP B 453 19.50 35.08 22.97
#